data_2KNK
# 
_entry.id   2KNK 
# 
_audit_conform.dict_name       mmcif_pdbx.dic 
_audit_conform.dict_version    5.392 
_audit_conform.dict_location   http://mmcif.pdb.org/dictionaries/ascii/mmcif_pdbx.dic 
# 
loop_
_database_2.database_id 
_database_2.database_code 
_database_2.pdbx_database_accession 
_database_2.pdbx_DOI 
PDB   2KNK         pdb_00002knk 10.2210/pdb2knk/pdb 
RCSB  RCSB101342   ?            ?                   
WWPDB D_1000101342 ?            ?                   
# 
loop_
_pdbx_audit_revision_history.ordinal 
_pdbx_audit_revision_history.data_content_type 
_pdbx_audit_revision_history.major_revision 
_pdbx_audit_revision_history.minor_revision 
_pdbx_audit_revision_history.revision_date 
1 'Structure model' 1 0 2009-09-29 
2 'Structure model' 1 1 2011-07-13 
3 'Structure model' 1 2 2022-03-16 
4 'Structure model' 1 3 2024-05-22 
# 
_pdbx_audit_revision_details.ordinal             1 
_pdbx_audit_revision_details.revision_ordinal    1 
_pdbx_audit_revision_details.data_content_type   'Structure model' 
_pdbx_audit_revision_details.provider            repository 
_pdbx_audit_revision_details.type                'Initial release' 
_pdbx_audit_revision_details.description         ? 
_pdbx_audit_revision_details.details             ? 
# 
loop_
_pdbx_audit_revision_group.ordinal 
_pdbx_audit_revision_group.revision_ordinal 
_pdbx_audit_revision_group.data_content_type 
_pdbx_audit_revision_group.group 
1 2 'Structure model' 'Version format compliance' 
2 3 'Structure model' 'Data collection'           
3 3 'Structure model' 'Database references'       
4 3 'Structure model' 'Derived calculations'      
5 4 'Structure model' 'Data collection'           
# 
loop_
_pdbx_audit_revision_category.ordinal 
_pdbx_audit_revision_category.revision_ordinal 
_pdbx_audit_revision_category.data_content_type 
_pdbx_audit_revision_category.category 
1 3 'Structure model' database_2            
2 3 'Structure model' pdbx_nmr_software     
3 3 'Structure model' pdbx_nmr_spectrometer 
4 3 'Structure model' pdbx_struct_assembly  
5 3 'Structure model' pdbx_struct_oper_list 
6 3 'Structure model' struct_conn           
7 3 'Structure model' struct_site           
8 4 'Structure model' chem_comp_atom        
9 4 'Structure model' chem_comp_bond        
# 
loop_
_pdbx_audit_revision_item.ordinal 
_pdbx_audit_revision_item.revision_ordinal 
_pdbx_audit_revision_item.data_content_type 
_pdbx_audit_revision_item.item 
1  3 'Structure model' '_database_2.pdbx_DOI'                
2  3 'Structure model' '_database_2.pdbx_database_accession' 
3  3 'Structure model' '_pdbx_nmr_software.name'             
4  3 'Structure model' '_pdbx_nmr_spectrometer.model'        
5  3 'Structure model' '_struct_conn.pdbx_leaving_atom_flag' 
6  3 'Structure model' '_struct_conn.ptnr1_auth_asym_id'     
7  3 'Structure model' '_struct_conn.ptnr1_auth_comp_id'     
8  3 'Structure model' '_struct_conn.ptnr1_auth_seq_id'      
9  3 'Structure model' '_struct_conn.ptnr1_label_asym_id'    
10 3 'Structure model' '_struct_conn.ptnr1_label_atom_id'    
11 3 'Structure model' '_struct_conn.ptnr1_label_comp_id'    
12 3 'Structure model' '_struct_conn.ptnr1_label_seq_id'     
13 3 'Structure model' '_struct_conn.ptnr2_auth_asym_id'     
14 3 'Structure model' '_struct_conn.ptnr2_auth_comp_id'     
15 3 'Structure model' '_struct_conn.ptnr2_auth_seq_id'      
16 3 'Structure model' '_struct_conn.ptnr2_label_asym_id'    
17 3 'Structure model' '_struct_conn.ptnr2_label_atom_id'    
18 3 'Structure model' '_struct_conn.ptnr2_label_comp_id'    
19 3 'Structure model' '_struct_conn.ptnr2_label_seq_id'     
20 3 'Structure model' '_struct_site.pdbx_auth_asym_id'      
21 3 'Structure model' '_struct_site.pdbx_auth_comp_id'      
22 3 'Structure model' '_struct_site.pdbx_auth_seq_id'       
# 
_pdbx_database_status.deposit_site                    BMRB 
_pdbx_database_status.entry_id                        2KNK 
_pdbx_database_status.process_site                    RCSB 
_pdbx_database_status.recvd_initial_deposition_date   2009-08-26 
_pdbx_database_status.SG_entry                        ? 
_pdbx_database_status.status_code                     REL 
_pdbx_database_status.status_code_mr                  REL 
_pdbx_database_status.status_code_sf                  ? 
_pdbx_database_status.pdb_format_compatible           Y 
_pdbx_database_status.status_code_cs                  ? 
_pdbx_database_status.status_code_nmr_data            ? 
_pdbx_database_status.methods_development_category    ? 
# 
loop_
_pdbx_database_related.content_type 
_pdbx_database_related.db_id 
_pdbx_database_related.db_name 
_pdbx_database_related.details 
unspecified 1HZ2 PDB 'previously refined structure' 
unspecified 2KNL PDB .                              
# 
loop_
_audit_author.name 
_audit_author.pdbx_ordinal 
'Huang, H.'    1 
'Dooley, P.A.' 2 
'Harris, C.M.' 3 
'Harris, T.M.' 4 
'Stone, M.P.'  5 
# 
_citation.id                        primary 
_citation.title                     
;Differential base stacking interactions induced by trimethylene interstrand DNA cross-links in the 5'-CpG-3' and 5'-GpC-3' sequence contexts.
;
_citation.journal_abbrev            Chem.Res.Toxicol. 
_citation.journal_volume            22 
_citation.page_first                1810 
_citation.page_last                 1816 
_citation.year                      2009 
_citation.journal_id_ASTM           CRTOEC 
_citation.country                   US 
_citation.journal_id_ISSN           0893-228X 
_citation.journal_id_CSD            2140 
_citation.book_publisher            ? 
_citation.pdbx_database_id_PubMed   19916525 
_citation.pdbx_database_id_DOI      10.1021/tx900225c 
# 
loop_
_citation_author.citation_id 
_citation_author.name 
_citation_author.ordinal 
_citation_author.identifier_ORCID 
primary 'Huang, H.'    1 ? 
primary 'Dooley, P.A.' 2 ? 
primary 'Harris, C.M.' 3 ? 
primary 'Harris, T.M.' 4 ? 
primary 'Stone, M.P.'  5 ? 
# 
loop_
_entity.id 
_entity.type 
_entity.src_method 
_entity.pdbx_description 
_entity.formula_weight 
_entity.pdbx_number_of_molecules 
_entity.pdbx_ec 
_entity.pdbx_mutation 
_entity.pdbx_fragment 
_entity.details 
1 polymer     syn 
;DNA (5'-D(*AP*GP*GP*CP*GP*CP*CP*T)-3')
;
2427.605 2 ? ? ? ? 
2 non-polymer syn PROPANE                                  44.096   1 ? ? ? ? 
# 
_entity_poly.entity_id                      1 
_entity_poly.type                           polydeoxyribonucleotide 
_entity_poly.nstd_linkage                   no 
_entity_poly.nstd_monomer                   no 
_entity_poly.pdbx_seq_one_letter_code       '(DA)(DG)(DG)(DC)(DG)(DC)(DC)(DT)' 
_entity_poly.pdbx_seq_one_letter_code_can   AGGCGCCT 
_entity_poly.pdbx_strand_id                 A,B 
_entity_poly.pdbx_target_identifier         ? 
# 
_pdbx_entity_nonpoly.entity_id   2 
_pdbx_entity_nonpoly.name        PROPANE 
_pdbx_entity_nonpoly.comp_id     TME 
# 
loop_
_entity_poly_seq.entity_id 
_entity_poly_seq.num 
_entity_poly_seq.mon_id 
_entity_poly_seq.hetero 
1 1 DA n 
1 2 DG n 
1 3 DG n 
1 4 DC n 
1 5 DG n 
1 6 DC n 
1 7 DC n 
1 8 DT n 
# 
loop_
_chem_comp.id 
_chem_comp.type 
_chem_comp.mon_nstd_flag 
_chem_comp.name 
_chem_comp.pdbx_synonyms 
_chem_comp.formula 
_chem_comp.formula_weight 
DA  'DNA linking' y "2'-DEOXYADENOSINE-5'-MONOPHOSPHATE" ? 'C10 H14 N5 O6 P' 331.222 
DC  'DNA linking' y "2'-DEOXYCYTIDINE-5'-MONOPHOSPHATE"  ? 'C9 H14 N3 O7 P'  307.197 
DG  'DNA linking' y "2'-DEOXYGUANOSINE-5'-MONOPHOSPHATE" ? 'C10 H14 N5 O7 P' 347.221 
DT  'DNA linking' y "THYMIDINE-5'-MONOPHOSPHATE"         ? 'C10 H15 N2 O8 P' 322.208 
TME non-polymer   . PROPANE                              ? 'C3 H8'           44.096  
# 
loop_
_pdbx_poly_seq_scheme.asym_id 
_pdbx_poly_seq_scheme.entity_id 
_pdbx_poly_seq_scheme.seq_id 
_pdbx_poly_seq_scheme.mon_id 
_pdbx_poly_seq_scheme.ndb_seq_num 
_pdbx_poly_seq_scheme.pdb_seq_num 
_pdbx_poly_seq_scheme.auth_seq_num 
_pdbx_poly_seq_scheme.pdb_mon_id 
_pdbx_poly_seq_scheme.auth_mon_id 
_pdbx_poly_seq_scheme.pdb_strand_id 
_pdbx_poly_seq_scheme.pdb_ins_code 
_pdbx_poly_seq_scheme.hetero 
A 1 1 DA 1 1  1  DA DA A . n 
A 1 2 DG 2 2  2  DG DG A . n 
A 1 3 DG 3 3  3  DG DG A . n 
A 1 4 DC 4 4  4  DC DC A . n 
A 1 5 DG 5 5  5  DG DG A . n 
A 1 6 DC 6 6  6  DC DC A . n 
A 1 7 DC 7 7  7  DC DC A . n 
A 1 8 DT 8 8  8  DT DT A . n 
B 1 1 DA 1 9  9  DA DA B . n 
B 1 2 DG 2 10 10 DG DG B . n 
B 1 3 DG 3 11 11 DG DG B . n 
B 1 4 DC 4 12 12 DC DC B . n 
B 1 5 DG 5 13 13 DG DG B . n 
B 1 6 DC 6 14 14 DC DC B . n 
B 1 7 DC 7 15 15 DC DC B . n 
B 1 8 DT 8 16 16 DT DT B . n 
# 
_pdbx_nonpoly_scheme.asym_id         C 
_pdbx_nonpoly_scheme.entity_id       2 
_pdbx_nonpoly_scheme.mon_id          TME 
_pdbx_nonpoly_scheme.ndb_seq_num     1 
_pdbx_nonpoly_scheme.pdb_seq_num     17 
_pdbx_nonpoly_scheme.auth_seq_num    17 
_pdbx_nonpoly_scheme.pdb_mon_id      TME 
_pdbx_nonpoly_scheme.auth_mon_id     TME 
_pdbx_nonpoly_scheme.pdb_strand_id   A 
_pdbx_nonpoly_scheme.pdb_ins_code    . 
# 
_exptl.absorpt_coefficient_mu     ? 
_exptl.absorpt_correction_T_max   ? 
_exptl.absorpt_correction_T_min   ? 
_exptl.absorpt_correction_type    ? 
_exptl.absorpt_process_details    ? 
_exptl.crystals_number            ? 
_exptl.details                    ? 
_exptl.entry_id                   2KNK 
_exptl.method                     'SOLUTION NMR' 
_exptl.method_details             ? 
# 
_struct.entry_id                  2KNK 
_struct.title                     
;Structure of the trimethylene N2-dG:N2-dG interstrand cross-link in 5'-CpG-3' sequence context
;
_struct.pdbx_model_details        ? 
_struct.pdbx_CASP_flag            ? 
_struct.pdbx_model_type_details   ? 
# 
_struct_keywords.entry_id        2KNK 
_struct_keywords.pdbx_keywords   DNA 
_struct_keywords.text            'interstrand cross-link, trimethylene, CpG sequence context, DNA' 
# 
loop_
_struct_asym.id 
_struct_asym.pdbx_blank_PDB_chainid_flag 
_struct_asym.pdbx_modified 
_struct_asym.entity_id 
_struct_asym.details 
A N N 1 ? 
B N N 1 ? 
C N N 2 ? 
# 
_struct_ref.id                         1 
_struct_ref.db_name                    PDB 
_struct_ref.db_code                    2KNK 
_struct_ref.pdbx_db_accession          2KNK 
_struct_ref.entity_id                  1 
_struct_ref.pdbx_align_begin           ? 
_struct_ref.pdbx_seq_one_letter_code   ? 
_struct_ref.pdbx_db_isoform            ? 
# 
loop_
_struct_ref_seq.align_id 
_struct_ref_seq.ref_id 
_struct_ref_seq.pdbx_PDB_id_code 
_struct_ref_seq.pdbx_strand_id 
_struct_ref_seq.seq_align_beg 
_struct_ref_seq.pdbx_seq_align_beg_ins_code 
_struct_ref_seq.seq_align_end 
_struct_ref_seq.pdbx_seq_align_end_ins_code 
_struct_ref_seq.pdbx_db_accession 
_struct_ref_seq.db_align_beg 
_struct_ref_seq.pdbx_db_align_beg_ins_code 
_struct_ref_seq.db_align_end 
_struct_ref_seq.pdbx_db_align_end_ins_code 
_struct_ref_seq.pdbx_auth_seq_align_beg 
_struct_ref_seq.pdbx_auth_seq_align_end 
1 1 2KNK A 1 ? 8 ? 2KNK 1 ? 8  ? 1 8  
2 1 2KNK B 1 ? 8 ? 2KNK 9 ? 16 ? 9 16 
# 
_pdbx_struct_assembly.id                   1 
_pdbx_struct_assembly.details              author_defined_assembly 
_pdbx_struct_assembly.method_details       ? 
_pdbx_struct_assembly.oligomeric_details   dimeric 
_pdbx_struct_assembly.oligomeric_count     2 
# 
_pdbx_struct_assembly_gen.assembly_id       1 
_pdbx_struct_assembly_gen.oper_expression   1 
_pdbx_struct_assembly_gen.asym_id_list      A,B,C 
# 
_pdbx_struct_oper_list.id                   1 
_pdbx_struct_oper_list.type                 'identity operation' 
_pdbx_struct_oper_list.name                 1_555 
_pdbx_struct_oper_list.symmetry_operation   x,y,z 
_pdbx_struct_oper_list.matrix[1][1]         1.0000000000 
_pdbx_struct_oper_list.matrix[1][2]         0.0000000000 
_pdbx_struct_oper_list.matrix[1][3]         0.0000000000 
_pdbx_struct_oper_list.vector[1]            0.0000000000 
_pdbx_struct_oper_list.matrix[2][1]         0.0000000000 
_pdbx_struct_oper_list.matrix[2][2]         1.0000000000 
_pdbx_struct_oper_list.matrix[2][3]         0.0000000000 
_pdbx_struct_oper_list.vector[2]            0.0000000000 
_pdbx_struct_oper_list.matrix[3][1]         0.0000000000 
_pdbx_struct_oper_list.matrix[3][2]         0.0000000000 
_pdbx_struct_oper_list.matrix[3][3]         1.0000000000 
_pdbx_struct_oper_list.vector[3]            0.0000000000 
# 
_struct_biol.id        1 
_struct_biol.details   ? 
# 
loop_
_struct_conn.id 
_struct_conn.conn_type_id 
_struct_conn.pdbx_leaving_atom_flag 
_struct_conn.pdbx_PDB_id 
_struct_conn.ptnr1_label_asym_id 
_struct_conn.ptnr1_label_comp_id 
_struct_conn.ptnr1_label_seq_id 
_struct_conn.ptnr1_label_atom_id 
_struct_conn.pdbx_ptnr1_label_alt_id 
_struct_conn.pdbx_ptnr1_PDB_ins_code 
_struct_conn.pdbx_ptnr1_standard_comp_id 
_struct_conn.ptnr1_symmetry 
_struct_conn.ptnr2_label_asym_id 
_struct_conn.ptnr2_label_comp_id 
_struct_conn.ptnr2_label_seq_id 
_struct_conn.ptnr2_label_atom_id 
_struct_conn.pdbx_ptnr2_label_alt_id 
_struct_conn.pdbx_ptnr2_PDB_ins_code 
_struct_conn.ptnr1_auth_asym_id 
_struct_conn.ptnr1_auth_comp_id 
_struct_conn.ptnr1_auth_seq_id 
_struct_conn.ptnr2_auth_asym_id 
_struct_conn.ptnr2_auth_comp_id 
_struct_conn.ptnr2_auth_seq_id 
_struct_conn.ptnr2_symmetry 
_struct_conn.pdbx_ptnr3_label_atom_id 
_struct_conn.pdbx_ptnr3_label_seq_id 
_struct_conn.pdbx_ptnr3_label_comp_id 
_struct_conn.pdbx_ptnr3_label_asym_id 
_struct_conn.pdbx_ptnr3_label_alt_id 
_struct_conn.pdbx_ptnr3_PDB_ins_code 
_struct_conn.details 
_struct_conn.pdbx_dist_value 
_struct_conn.pdbx_value_order 
_struct_conn.pdbx_role 
covale1  covale none ? A DG  5 N2 ? ? ? 1_555 C TME . C1 ? ? A DG  5  A TME 17 1_555 ? ? ? ? ? ? ?            1.467 ? ? 
covale2  covale none ? C TME . C3 ? ? ? 1_555 B DG  5 N2 ? ? A TME 17 B DG  13 1_555 ? ? ? ? ? ? ?            1.468 ? ? 
hydrog1  hydrog ?    ? A DA  1 N1 ? ? ? 1_555 B DT  8 N3 ? ? A DA  1  B DT  16 1_555 ? ? ? ? ? ? WATSON-CRICK ?     ? ? 
hydrog2  hydrog ?    ? A DA  1 N6 ? ? ? 1_555 B DT  8 O4 ? ? A DA  1  B DT  16 1_555 ? ? ? ? ? ? WATSON-CRICK ?     ? ? 
hydrog3  hydrog ?    ? A DG  2 N1 ? ? ? 1_555 B DC  7 N3 ? ? A DG  2  B DC  15 1_555 ? ? ? ? ? ? WATSON-CRICK ?     ? ? 
hydrog4  hydrog ?    ? A DG  2 N2 ? ? ? 1_555 B DC  7 O2 ? ? A DG  2  B DC  15 1_555 ? ? ? ? ? ? WATSON-CRICK ?     ? ? 
hydrog5  hydrog ?    ? A DG  2 O6 ? ? ? 1_555 B DC  7 N4 ? ? A DG  2  B DC  15 1_555 ? ? ? ? ? ? WATSON-CRICK ?     ? ? 
hydrog6  hydrog ?    ? A DG  3 N1 ? ? ? 1_555 B DC  6 N3 ? ? A DG  3  B DC  14 1_555 ? ? ? ? ? ? WATSON-CRICK ?     ? ? 
hydrog7  hydrog ?    ? A DG  3 N2 ? ? ? 1_555 B DC  6 O2 ? ? A DG  3  B DC  14 1_555 ? ? ? ? ? ? WATSON-CRICK ?     ? ? 
hydrog8  hydrog ?    ? A DG  3 O6 ? ? ? 1_555 B DC  6 N4 ? ? A DG  3  B DC  14 1_555 ? ? ? ? ? ? WATSON-CRICK ?     ? ? 
hydrog9  hydrog ?    ? A DC  4 N3 ? ? ? 1_555 B DG  5 N1 ? ? A DC  4  B DG  13 1_555 ? ? ? ? ? ? WATSON-CRICK ?     ? ? 
hydrog10 hydrog ?    ? A DC  4 N4 ? ? ? 1_555 B DG  5 O6 ? ? A DC  4  B DG  13 1_555 ? ? ? ? ? ? WATSON-CRICK ?     ? ? 
hydrog11 hydrog ?    ? A DC  4 O2 ? ? ? 1_555 B DG  5 N2 ? ? A DC  4  B DG  13 1_555 ? ? ? ? ? ? WATSON-CRICK ?     ? ? 
hydrog12 hydrog ?    ? A DG  5 N1 ? ? ? 1_555 B DC  4 N3 ? ? A DG  5  B DC  12 1_555 ? ? ? ? ? ? WATSON-CRICK ?     ? ? 
hydrog13 hydrog ?    ? A DG  5 N2 ? ? ? 1_555 B DC  4 O2 ? ? A DG  5  B DC  12 1_555 ? ? ? ? ? ? WATSON-CRICK ?     ? ? 
hydrog14 hydrog ?    ? A DG  5 O6 ? ? ? 1_555 B DC  4 N4 ? ? A DG  5  B DC  12 1_555 ? ? ? ? ? ? WATSON-CRICK ?     ? ? 
hydrog15 hydrog ?    ? A DC  6 N3 ? ? ? 1_555 B DG  3 N1 ? ? A DC  6  B DG  11 1_555 ? ? ? ? ? ? WATSON-CRICK ?     ? ? 
hydrog16 hydrog ?    ? A DC  6 N4 ? ? ? 1_555 B DG  3 O6 ? ? A DC  6  B DG  11 1_555 ? ? ? ? ? ? WATSON-CRICK ?     ? ? 
hydrog17 hydrog ?    ? A DC  6 O2 ? ? ? 1_555 B DG  3 N2 ? ? A DC  6  B DG  11 1_555 ? ? ? ? ? ? WATSON-CRICK ?     ? ? 
hydrog18 hydrog ?    ? A DC  7 N3 ? ? ? 1_555 B DG  2 N1 ? ? A DC  7  B DG  10 1_555 ? ? ? ? ? ? WATSON-CRICK ?     ? ? 
hydrog19 hydrog ?    ? A DC  7 N4 ? ? ? 1_555 B DG  2 O6 ? ? A DC  7  B DG  10 1_555 ? ? ? ? ? ? WATSON-CRICK ?     ? ? 
hydrog20 hydrog ?    ? A DC  7 O2 ? ? ? 1_555 B DG  2 N2 ? ? A DC  7  B DG  10 1_555 ? ? ? ? ? ? WATSON-CRICK ?     ? ? 
hydrog21 hydrog ?    ? A DT  8 N3 ? ? ? 1_555 B DA  1 N1 ? ? A DT  8  B DA  9  1_555 ? ? ? ? ? ? WATSON-CRICK ?     ? ? 
hydrog22 hydrog ?    ? A DT  8 O4 ? ? ? 1_555 B DA  1 N6 ? ? A DT  8  B DA  9  1_555 ? ? ? ? ? ? WATSON-CRICK ?     ? ? 
# 
loop_
_struct_conn_type.id 
_struct_conn_type.criteria 
_struct_conn_type.reference 
covale ? ? 
hydrog ? ? 
# 
_struct_site.id                   AC1 
_struct_site.pdbx_evidence_code   Software 
_struct_site.pdbx_auth_asym_id    A 
_struct_site.pdbx_auth_comp_id    TME 
_struct_site.pdbx_auth_seq_id     17 
_struct_site.pdbx_auth_ins_code   ? 
_struct_site.pdbx_num_residues    2 
_struct_site.details              'BINDING SITE FOR RESIDUE TME A 17' 
# 
loop_
_struct_site_gen.id 
_struct_site_gen.site_id 
_struct_site_gen.pdbx_num_res 
_struct_site_gen.label_comp_id 
_struct_site_gen.label_asym_id 
_struct_site_gen.label_seq_id 
_struct_site_gen.pdbx_auth_ins_code 
_struct_site_gen.auth_comp_id 
_struct_site_gen.auth_asym_id 
_struct_site_gen.auth_seq_id 
_struct_site_gen.label_atom_id 
_struct_site_gen.label_alt_id 
_struct_site_gen.symmetry 
_struct_site_gen.details 
1 AC1 2 DG A 5 ? DG A 5  . ? 1_555 ? 
2 AC1 2 DG B 5 ? DG B 13 . ? 1_555 ? 
# 
loop_
_pdbx_validate_rmsd_angle.id 
_pdbx_validate_rmsd_angle.PDB_model_num 
_pdbx_validate_rmsd_angle.auth_atom_id_1 
_pdbx_validate_rmsd_angle.auth_asym_id_1 
_pdbx_validate_rmsd_angle.auth_comp_id_1 
_pdbx_validate_rmsd_angle.auth_seq_id_1 
_pdbx_validate_rmsd_angle.PDB_ins_code_1 
_pdbx_validate_rmsd_angle.label_alt_id_1 
_pdbx_validate_rmsd_angle.auth_atom_id_2 
_pdbx_validate_rmsd_angle.auth_asym_id_2 
_pdbx_validate_rmsd_angle.auth_comp_id_2 
_pdbx_validate_rmsd_angle.auth_seq_id_2 
_pdbx_validate_rmsd_angle.PDB_ins_code_2 
_pdbx_validate_rmsd_angle.label_alt_id_2 
_pdbx_validate_rmsd_angle.auth_atom_id_3 
_pdbx_validate_rmsd_angle.auth_asym_id_3 
_pdbx_validate_rmsd_angle.auth_comp_id_3 
_pdbx_validate_rmsd_angle.auth_seq_id_3 
_pdbx_validate_rmsd_angle.PDB_ins_code_3 
_pdbx_validate_rmsd_angle.label_alt_id_3 
_pdbx_validate_rmsd_angle.angle_value 
_pdbx_validate_rmsd_angle.angle_target_value 
_pdbx_validate_rmsd_angle.angle_deviation 
_pdbx_validate_rmsd_angle.angle_standard_deviation 
_pdbx_validate_rmsd_angle.linker_flag 
1  1 "O4'" A DA 1  ? ? "C1'" A DA 1  ? ? N9 A DA 1  ? ? 110.69 108.30 2.39  0.30 N 
2  1 C4    A DA 1  ? ? C5    A DA 1  ? ? C6 A DA 1  ? ? 113.66 117.00 -3.34 0.50 N 
3  1 C5    A DA 1  ? ? C6    A DA 1  ? ? N1 A DA 1  ? ? 121.05 117.70 3.35  0.50 N 
4  1 N1    A DA 1  ? ? C6    A DA 1  ? ? N6 A DA 1  ? ? 113.00 118.60 -5.60 0.60 N 
5  1 "O4'" A DC 4  ? ? "C1'" A DC 4  ? ? N1 A DC 4  ? ? 110.28 108.30 1.98  0.30 N 
6  1 N3    A DC 4  ? ? C2    A DC 4  ? ? O2 A DC 4  ? ? 116.71 121.90 -5.19 0.70 N 
7  1 "O4'" A DG 5  ? ? "C1'" A DG 5  ? ? N9 A DG 5  ? ? 114.87 108.30 6.57  0.30 N 
8  1 N3    A DC 6  ? ? C2    A DC 6  ? ? O2 A DC 6  ? ? 116.80 121.90 -5.10 0.70 N 
9  1 N3    A DC 7  ? ? C2    A DC 7  ? ? O2 A DC 7  ? ? 117.04 121.90 -4.86 0.70 N 
10 1 C6    A DT 8  ? ? C5    A DT 8  ? ? C7 A DT 8  ? ? 119.24 122.90 -3.66 0.60 N 
11 1 "O4'" B DA 9  ? ? "C1'" B DA 9  ? ? N9 B DA 9  ? ? 111.60 108.30 3.30  0.30 N 
12 1 C4    B DA 9  ? ? C5    B DA 9  ? ? C6 B DA 9  ? ? 113.78 117.00 -3.22 0.50 N 
13 1 C5    B DA 9  ? ? C6    B DA 9  ? ? N1 B DA 9  ? ? 121.11 117.70 3.41  0.50 N 
14 1 N1    B DA 9  ? ? C6    B DA 9  ? ? N6 B DA 9  ? ? 113.25 118.60 -5.35 0.60 N 
15 1 "O4'" B DG 10 ? ? "C1'" B DG 10 ? ? N9 B DG 10 ? ? 110.35 108.30 2.05  0.30 N 
16 1 N3    B DC 12 ? ? C2    B DC 12 ? ? O2 B DC 12 ? ? 116.75 121.90 -5.15 0.70 N 
17 1 "O4'" B DG 13 ? ? "C1'" B DG 13 ? ? N9 B DG 13 ? ? 114.52 108.30 6.22  0.30 N 
18 1 "O4'" B DC 14 ? ? "C1'" B DC 14 ? ? N1 B DC 14 ? ? 110.13 108.30 1.83  0.30 N 
19 1 N3    B DC 14 ? ? C2    B DC 14 ? ? O2 B DC 14 ? ? 116.71 121.90 -5.19 0.70 N 
20 1 N3    B DC 15 ? ? C2    B DC 15 ? ? O2 B DC 15 ? ? 117.08 121.90 -4.82 0.70 N 
# 
loop_
_pdbx_validate_planes.id 
_pdbx_validate_planes.PDB_model_num 
_pdbx_validate_planes.auth_comp_id 
_pdbx_validate_planes.auth_asym_id 
_pdbx_validate_planes.auth_seq_id 
_pdbx_validate_planes.PDB_ins_code 
_pdbx_validate_planes.label_alt_id 
_pdbx_validate_planes.rmsd 
_pdbx_validate_planes.type 
1 1 DG A 2  ? ? 0.054 'SIDE CHAIN' 
2 1 DG A 3  ? ? 0.087 'SIDE CHAIN' 
3 1 DG A 5  ? ? 0.080 'SIDE CHAIN' 
4 1 DG B 11 ? ? 0.084 'SIDE CHAIN' 
5 1 DG B 13 ? ? 0.076 'SIDE CHAIN' 
6 1 DC B 14 ? ? 0.068 'SIDE CHAIN' 
# 
_pdbx_nmr_ensemble.average_constraint_violations_per_residue     ? 
_pdbx_nmr_ensemble.average_constraints_per_residue               ? 
_pdbx_nmr_ensemble.average_distance_constraint_violation         ? 
_pdbx_nmr_ensemble.average_torsion_angle_constraint_violation    ? 
_pdbx_nmr_ensemble.conformer_selection_criteria                  'back calculated data agree with experimental NOESY spectrum' 
_pdbx_nmr_ensemble.conformers_calculated_total_number            20 
_pdbx_nmr_ensemble.conformers_submitted_total_number             1 
_pdbx_nmr_ensemble.distance_constraint_violation_method          ? 
_pdbx_nmr_ensemble.entry_id                                      2KNK 
_pdbx_nmr_ensemble.maximum_distance_constraint_violation         ? 
_pdbx_nmr_ensemble.maximum_lower_distance_constraint_violation   ? 
_pdbx_nmr_ensemble.maximum_torsion_angle_constraint_violation    ? 
_pdbx_nmr_ensemble.maximum_upper_distance_constraint_violation   ? 
_pdbx_nmr_ensemble.torsion_angle_constraint_violation_method     ? 
# 
_pdbx_nmr_representative.conformer_id         1 
_pdbx_nmr_representative.entry_id             2KNK 
_pdbx_nmr_representative.selection_criteria   'closest to the average' 
# 
_pdbx_nmr_sample_details.contents         
;2 mM DNA (5'-D(*AP*GP*GP*CP*GP*CP*CP*T)-3'), 2 mM XLK, 90% H2O/10% D2O
;
_pdbx_nmr_sample_details.solution_id      1 
_pdbx_nmr_sample_details.solvent_system   '90% H2O/10% D2O' 
# 
loop_
_pdbx_nmr_exptl_sample.component 
_pdbx_nmr_exptl_sample.concentration 
_pdbx_nmr_exptl_sample.concentration_range 
_pdbx_nmr_exptl_sample.concentration_units 
_pdbx_nmr_exptl_sample.isotopic_labeling 
_pdbx_nmr_exptl_sample.solution_id 
;DNA (5'-D(*AP*GP*GP*CP*GP*CP*CP*T)-3')
;
2 ? mM ? 1 
XLK                                      2 ? mM ? 1 
# 
_pdbx_nmr_exptl_sample_conditions.conditions_id       1 
_pdbx_nmr_exptl_sample_conditions.ionic_strength      100 
_pdbx_nmr_exptl_sample_conditions.pH                  7.1 
_pdbx_nmr_exptl_sample_conditions.pressure            ambient 
_pdbx_nmr_exptl_sample_conditions.pressure_units      ? 
_pdbx_nmr_exptl_sample_conditions.temperature         298 
_pdbx_nmr_exptl_sample_conditions.temperature_units   K 
# 
_pdbx_nmr_exptl.conditions_id   1 
_pdbx_nmr_exptl.experiment_id   1 
_pdbx_nmr_exptl.solution_id     1 
_pdbx_nmr_exptl.type            '2D 1H-1H NOESY' 
# 
_pdbx_nmr_refine.entry_id           2KNK 
_pdbx_nmr_refine.method             'simulated annealing' 
_pdbx_nmr_refine.details            ? 
_pdbx_nmr_refine.software_ordinal   1 
# 
_pdbx_nmr_software.authors          'Case, D.A. et al.' 
_pdbx_nmr_software.classification   refinement 
_pdbx_nmr_software.name             Amber 
_pdbx_nmr_software.version          ? 
_pdbx_nmr_software.ordinal          1 
# 
loop_
_chem_comp_atom.comp_id 
_chem_comp_atom.atom_id 
_chem_comp_atom.type_symbol 
_chem_comp_atom.pdbx_aromatic_flag 
_chem_comp_atom.pdbx_stereo_config 
_chem_comp_atom.pdbx_ordinal 
DA  OP3    O N N 1   
DA  P      P N N 2   
DA  OP1    O N N 3   
DA  OP2    O N N 4   
DA  "O5'"  O N N 5   
DA  "C5'"  C N N 6   
DA  "C4'"  C N R 7   
DA  "O4'"  O N N 8   
DA  "C3'"  C N S 9   
DA  "O3'"  O N N 10  
DA  "C2'"  C N N 11  
DA  "C1'"  C N R 12  
DA  N9     N Y N 13  
DA  C8     C Y N 14  
DA  N7     N Y N 15  
DA  C5     C Y N 16  
DA  C6     C Y N 17  
DA  N6     N N N 18  
DA  N1     N Y N 19  
DA  C2     C Y N 20  
DA  N3     N Y N 21  
DA  C4     C Y N 22  
DA  HOP3   H N N 23  
DA  HOP2   H N N 24  
DA  "H5'"  H N N 25  
DA  "H5''" H N N 26  
DA  "H4'"  H N N 27  
DA  "H3'"  H N N 28  
DA  "HO3'" H N N 29  
DA  "H2'"  H N N 30  
DA  "H2''" H N N 31  
DA  "H1'"  H N N 32  
DA  H8     H N N 33  
DA  H61    H N N 34  
DA  H62    H N N 35  
DA  H2     H N N 36  
DC  OP3    O N N 37  
DC  P      P N N 38  
DC  OP1    O N N 39  
DC  OP2    O N N 40  
DC  "O5'"  O N N 41  
DC  "C5'"  C N N 42  
DC  "C4'"  C N R 43  
DC  "O4'"  O N N 44  
DC  "C3'"  C N S 45  
DC  "O3'"  O N N 46  
DC  "C2'"  C N N 47  
DC  "C1'"  C N R 48  
DC  N1     N N N 49  
DC  C2     C N N 50  
DC  O2     O N N 51  
DC  N3     N N N 52  
DC  C4     C N N 53  
DC  N4     N N N 54  
DC  C5     C N N 55  
DC  C6     C N N 56  
DC  HOP3   H N N 57  
DC  HOP2   H N N 58  
DC  "H5'"  H N N 59  
DC  "H5''" H N N 60  
DC  "H4'"  H N N 61  
DC  "H3'"  H N N 62  
DC  "HO3'" H N N 63  
DC  "H2'"  H N N 64  
DC  "H2''" H N N 65  
DC  "H1'"  H N N 66  
DC  H41    H N N 67  
DC  H42    H N N 68  
DC  H5     H N N 69  
DC  H6     H N N 70  
DG  OP3    O N N 71  
DG  P      P N N 72  
DG  OP1    O N N 73  
DG  OP2    O N N 74  
DG  "O5'"  O N N 75  
DG  "C5'"  C N N 76  
DG  "C4'"  C N R 77  
DG  "O4'"  O N N 78  
DG  "C3'"  C N S 79  
DG  "O3'"  O N N 80  
DG  "C2'"  C N N 81  
DG  "C1'"  C N R 82  
DG  N9     N Y N 83  
DG  C8     C Y N 84  
DG  N7     N Y N 85  
DG  C5     C Y N 86  
DG  C6     C N N 87  
DG  O6     O N N 88  
DG  N1     N N N 89  
DG  C2     C N N 90  
DG  N2     N N N 91  
DG  N3     N N N 92  
DG  C4     C Y N 93  
DG  HOP3   H N N 94  
DG  HOP2   H N N 95  
DG  "H5'"  H N N 96  
DG  "H5''" H N N 97  
DG  "H4'"  H N N 98  
DG  "H3'"  H N N 99  
DG  "HO3'" H N N 100 
DG  "H2'"  H N N 101 
DG  "H2''" H N N 102 
DG  "H1'"  H N N 103 
DG  H8     H N N 104 
DG  H1     H N N 105 
DG  H21    H N N 106 
DG  H22    H N N 107 
DT  OP3    O N N 108 
DT  P      P N N 109 
DT  OP1    O N N 110 
DT  OP2    O N N 111 
DT  "O5'"  O N N 112 
DT  "C5'"  C N N 113 
DT  "C4'"  C N R 114 
DT  "O4'"  O N N 115 
DT  "C3'"  C N S 116 
DT  "O3'"  O N N 117 
DT  "C2'"  C N N 118 
DT  "C1'"  C N R 119 
DT  N1     N N N 120 
DT  C2     C N N 121 
DT  O2     O N N 122 
DT  N3     N N N 123 
DT  C4     C N N 124 
DT  O4     O N N 125 
DT  C5     C N N 126 
DT  C7     C N N 127 
DT  C6     C N N 128 
DT  HOP3   H N N 129 
DT  HOP2   H N N 130 
DT  "H5'"  H N N 131 
DT  "H5''" H N N 132 
DT  "H4'"  H N N 133 
DT  "H3'"  H N N 134 
DT  "HO3'" H N N 135 
DT  "H2'"  H N N 136 
DT  "H2''" H N N 137 
DT  "H1'"  H N N 138 
DT  H3     H N N 139 
DT  H71    H N N 140 
DT  H72    H N N 141 
DT  H73    H N N 142 
DT  H6     H N N 143 
TME C1     C N N 144 
TME C2     C N N 145 
TME C3     C N N 146 
TME H11    H N N 147 
TME H12    H N N 148 
TME H13    H N N 149 
TME H21    H N N 150 
TME H22    H N N 151 
TME H31    H N N 152 
TME H32    H N N 153 
TME H33    H N N 154 
# 
loop_
_chem_comp_bond.comp_id 
_chem_comp_bond.atom_id_1 
_chem_comp_bond.atom_id_2 
_chem_comp_bond.value_order 
_chem_comp_bond.pdbx_aromatic_flag 
_chem_comp_bond.pdbx_stereo_config 
_chem_comp_bond.pdbx_ordinal 
DA  OP3   P      sing N N 1   
DA  OP3   HOP3   sing N N 2   
DA  P     OP1    doub N N 3   
DA  P     OP2    sing N N 4   
DA  P     "O5'"  sing N N 5   
DA  OP2   HOP2   sing N N 6   
DA  "O5'" "C5'"  sing N N 7   
DA  "C5'" "C4'"  sing N N 8   
DA  "C5'" "H5'"  sing N N 9   
DA  "C5'" "H5''" sing N N 10  
DA  "C4'" "O4'"  sing N N 11  
DA  "C4'" "C3'"  sing N N 12  
DA  "C4'" "H4'"  sing N N 13  
DA  "O4'" "C1'"  sing N N 14  
DA  "C3'" "O3'"  sing N N 15  
DA  "C3'" "C2'"  sing N N 16  
DA  "C3'" "H3'"  sing N N 17  
DA  "O3'" "HO3'" sing N N 18  
DA  "C2'" "C1'"  sing N N 19  
DA  "C2'" "H2'"  sing N N 20  
DA  "C2'" "H2''" sing N N 21  
DA  "C1'" N9     sing N N 22  
DA  "C1'" "H1'"  sing N N 23  
DA  N9    C8     sing Y N 24  
DA  N9    C4     sing Y N 25  
DA  C8    N7     doub Y N 26  
DA  C8    H8     sing N N 27  
DA  N7    C5     sing Y N 28  
DA  C5    C6     sing Y N 29  
DA  C5    C4     doub Y N 30  
DA  C6    N6     sing N N 31  
DA  C6    N1     doub Y N 32  
DA  N6    H61    sing N N 33  
DA  N6    H62    sing N N 34  
DA  N1    C2     sing Y N 35  
DA  C2    N3     doub Y N 36  
DA  C2    H2     sing N N 37  
DA  N3    C4     sing Y N 38  
DC  OP3   P      sing N N 39  
DC  OP3   HOP3   sing N N 40  
DC  P     OP1    doub N N 41  
DC  P     OP2    sing N N 42  
DC  P     "O5'"  sing N N 43  
DC  OP2   HOP2   sing N N 44  
DC  "O5'" "C5'"  sing N N 45  
DC  "C5'" "C4'"  sing N N 46  
DC  "C5'" "H5'"  sing N N 47  
DC  "C5'" "H5''" sing N N 48  
DC  "C4'" "O4'"  sing N N 49  
DC  "C4'" "C3'"  sing N N 50  
DC  "C4'" "H4'"  sing N N 51  
DC  "O4'" "C1'"  sing N N 52  
DC  "C3'" "O3'"  sing N N 53  
DC  "C3'" "C2'"  sing N N 54  
DC  "C3'" "H3'"  sing N N 55  
DC  "O3'" "HO3'" sing N N 56  
DC  "C2'" "C1'"  sing N N 57  
DC  "C2'" "H2'"  sing N N 58  
DC  "C2'" "H2''" sing N N 59  
DC  "C1'" N1     sing N N 60  
DC  "C1'" "H1'"  sing N N 61  
DC  N1    C2     sing N N 62  
DC  N1    C6     sing N N 63  
DC  C2    O2     doub N N 64  
DC  C2    N3     sing N N 65  
DC  N3    C4     doub N N 66  
DC  C4    N4     sing N N 67  
DC  C4    C5     sing N N 68  
DC  N4    H41    sing N N 69  
DC  N4    H42    sing N N 70  
DC  C5    C6     doub N N 71  
DC  C5    H5     sing N N 72  
DC  C6    H6     sing N N 73  
DG  OP3   P      sing N N 74  
DG  OP3   HOP3   sing N N 75  
DG  P     OP1    doub N N 76  
DG  P     OP2    sing N N 77  
DG  P     "O5'"  sing N N 78  
DG  OP2   HOP2   sing N N 79  
DG  "O5'" "C5'"  sing N N 80  
DG  "C5'" "C4'"  sing N N 81  
DG  "C5'" "H5'"  sing N N 82  
DG  "C5'" "H5''" sing N N 83  
DG  "C4'" "O4'"  sing N N 84  
DG  "C4'" "C3'"  sing N N 85  
DG  "C4'" "H4'"  sing N N 86  
DG  "O4'" "C1'"  sing N N 87  
DG  "C3'" "O3'"  sing N N 88  
DG  "C3'" "C2'"  sing N N 89  
DG  "C3'" "H3'"  sing N N 90  
DG  "O3'" "HO3'" sing N N 91  
DG  "C2'" "C1'"  sing N N 92  
DG  "C2'" "H2'"  sing N N 93  
DG  "C2'" "H2''" sing N N 94  
DG  "C1'" N9     sing N N 95  
DG  "C1'" "H1'"  sing N N 96  
DG  N9    C8     sing Y N 97  
DG  N9    C4     sing Y N 98  
DG  C8    N7     doub Y N 99  
DG  C8    H8     sing N N 100 
DG  N7    C5     sing Y N 101 
DG  C5    C6     sing N N 102 
DG  C5    C4     doub Y N 103 
DG  C6    O6     doub N N 104 
DG  C6    N1     sing N N 105 
DG  N1    C2     sing N N 106 
DG  N1    H1     sing N N 107 
DG  C2    N2     sing N N 108 
DG  C2    N3     doub N N 109 
DG  N2    H21    sing N N 110 
DG  N2    H22    sing N N 111 
DG  N3    C4     sing N N 112 
DT  OP3   P      sing N N 113 
DT  OP3   HOP3   sing N N 114 
DT  P     OP1    doub N N 115 
DT  P     OP2    sing N N 116 
DT  P     "O5'"  sing N N 117 
DT  OP2   HOP2   sing N N 118 
DT  "O5'" "C5'"  sing N N 119 
DT  "C5'" "C4'"  sing N N 120 
DT  "C5'" "H5'"  sing N N 121 
DT  "C5'" "H5''" sing N N 122 
DT  "C4'" "O4'"  sing N N 123 
DT  "C4'" "C3'"  sing N N 124 
DT  "C4'" "H4'"  sing N N 125 
DT  "O4'" "C1'"  sing N N 126 
DT  "C3'" "O3'"  sing N N 127 
DT  "C3'" "C2'"  sing N N 128 
DT  "C3'" "H3'"  sing N N 129 
DT  "O3'" "HO3'" sing N N 130 
DT  "C2'" "C1'"  sing N N 131 
DT  "C2'" "H2'"  sing N N 132 
DT  "C2'" "H2''" sing N N 133 
DT  "C1'" N1     sing N N 134 
DT  "C1'" "H1'"  sing N N 135 
DT  N1    C2     sing N N 136 
DT  N1    C6     sing N N 137 
DT  C2    O2     doub N N 138 
DT  C2    N3     sing N N 139 
DT  N3    C4     sing N N 140 
DT  N3    H3     sing N N 141 
DT  C4    O4     doub N N 142 
DT  C4    C5     sing N N 143 
DT  C5    C7     sing N N 144 
DT  C5    C6     doub N N 145 
DT  C7    H71    sing N N 146 
DT  C7    H72    sing N N 147 
DT  C7    H73    sing N N 148 
DT  C6    H6     sing N N 149 
TME C1    C2     sing N N 150 
TME C1    H11    sing N N 151 
TME C1    H12    sing N N 152 
TME C1    H13    sing N N 153 
TME C2    C3     sing N N 154 
TME C2    H21    sing N N 155 
TME C2    H22    sing N N 156 
TME C3    H31    sing N N 157 
TME C3    H32    sing N N 158 
TME C3    H33    sing N N 159 
# 
loop_
_ndb_struct_conf_na.entry_id 
_ndb_struct_conf_na.feature 
2KNK 'double helix'        
2KNK 'b-form double helix' 
# 
loop_
_ndb_struct_na_base_pair.model_number 
_ndb_struct_na_base_pair.i_label_asym_id 
_ndb_struct_na_base_pair.i_label_comp_id 
_ndb_struct_na_base_pair.i_label_seq_id 
_ndb_struct_na_base_pair.i_symmetry 
_ndb_struct_na_base_pair.j_label_asym_id 
_ndb_struct_na_base_pair.j_label_comp_id 
_ndb_struct_na_base_pair.j_label_seq_id 
_ndb_struct_na_base_pair.j_symmetry 
_ndb_struct_na_base_pair.shear 
_ndb_struct_na_base_pair.stretch 
_ndb_struct_na_base_pair.stagger 
_ndb_struct_na_base_pair.buckle 
_ndb_struct_na_base_pair.propeller 
_ndb_struct_na_base_pair.opening 
_ndb_struct_na_base_pair.pair_number 
_ndb_struct_na_base_pair.pair_name 
_ndb_struct_na_base_pair.i_auth_asym_id 
_ndb_struct_na_base_pair.i_auth_seq_id 
_ndb_struct_na_base_pair.i_PDB_ins_code 
_ndb_struct_na_base_pair.j_auth_asym_id 
_ndb_struct_na_base_pair.j_auth_seq_id 
_ndb_struct_na_base_pair.j_PDB_ins_code 
_ndb_struct_na_base_pair.hbond_type_28 
_ndb_struct_na_base_pair.hbond_type_12 
1 A DA 1 1_555 B DT 8 1_555 0.199  0.036  -0.142 -10.703 2.847   3.232  1 A_DA1:DT16_B A 1 ? B 16 ? 20 1 
1 A DG 2 1_555 B DC 7 1_555 -0.427 -0.119 0.351  6.548   -8.260  -0.220 2 A_DG2:DC15_B A 2 ? B 15 ? 19 1 
1 A DG 3 1_555 B DC 6 1_555 -0.480 -0.124 0.086  -0.242  -17.970 0.491  3 A_DG3:DC14_B A 3 ? B 14 ? 19 1 
1 A DC 4 1_555 B DG 5 1_555 0.451  -0.106 0.189  -8.413  -7.832  -2.742 4 A_DC4:DG13_B A 4 ? B 13 ? 19 1 
1 A DG 5 1_555 B DC 4 1_555 -0.471 -0.097 0.245  14.346  -6.028  -2.131 5 A_DG5:DC12_B A 5 ? B 12 ? 19 1 
1 A DC 6 1_555 B DG 3 1_555 0.417  -0.135 0.009  6.264   -21.047 0.361  6 A_DC6:DG11_B A 6 ? B 11 ? 19 1 
1 A DC 7 1_555 B DG 2 1_555 0.411  -0.138 0.328  -4.767  -10.067 -0.697 7 A_DC7:DG10_B A 7 ? B 10 ? 19 1 
1 A DT 8 1_555 B DA 1 1_555 -0.143 0.038  -0.236 12.367  -0.886  1.578  8 A_DT8:DA9_B  A 8 ? B 9  ? 20 1 
# 
loop_
_ndb_struct_na_base_pair_step.model_number 
_ndb_struct_na_base_pair_step.i_label_asym_id_1 
_ndb_struct_na_base_pair_step.i_label_comp_id_1 
_ndb_struct_na_base_pair_step.i_label_seq_id_1 
_ndb_struct_na_base_pair_step.i_symmetry_1 
_ndb_struct_na_base_pair_step.j_label_asym_id_1 
_ndb_struct_na_base_pair_step.j_label_comp_id_1 
_ndb_struct_na_base_pair_step.j_label_seq_id_1 
_ndb_struct_na_base_pair_step.j_symmetry_1 
_ndb_struct_na_base_pair_step.i_label_asym_id_2 
_ndb_struct_na_base_pair_step.i_label_comp_id_2 
_ndb_struct_na_base_pair_step.i_label_seq_id_2 
_ndb_struct_na_base_pair_step.i_symmetry_2 
_ndb_struct_na_base_pair_step.j_label_asym_id_2 
_ndb_struct_na_base_pair_step.j_label_comp_id_2 
_ndb_struct_na_base_pair_step.j_label_seq_id_2 
_ndb_struct_na_base_pair_step.j_symmetry_2 
_ndb_struct_na_base_pair_step.shift 
_ndb_struct_na_base_pair_step.slide 
_ndb_struct_na_base_pair_step.rise 
_ndb_struct_na_base_pair_step.tilt 
_ndb_struct_na_base_pair_step.roll 
_ndb_struct_na_base_pair_step.twist 
_ndb_struct_na_base_pair_step.x_displacement 
_ndb_struct_na_base_pair_step.y_displacement 
_ndb_struct_na_base_pair_step.helical_rise 
_ndb_struct_na_base_pair_step.inclination 
_ndb_struct_na_base_pair_step.tip 
_ndb_struct_na_base_pair_step.helical_twist 
_ndb_struct_na_base_pair_step.step_number 
_ndb_struct_na_base_pair_step.step_name 
_ndb_struct_na_base_pair_step.i_auth_asym_id_1 
_ndb_struct_na_base_pair_step.i_auth_seq_id_1 
_ndb_struct_na_base_pair_step.i_PDB_ins_code_1 
_ndb_struct_na_base_pair_step.j_auth_asym_id_1 
_ndb_struct_na_base_pair_step.j_auth_seq_id_1 
_ndb_struct_na_base_pair_step.j_PDB_ins_code_1 
_ndb_struct_na_base_pair_step.i_auth_asym_id_2 
_ndb_struct_na_base_pair_step.i_auth_seq_id_2 
_ndb_struct_na_base_pair_step.i_PDB_ins_code_2 
_ndb_struct_na_base_pair_step.j_auth_asym_id_2 
_ndb_struct_na_base_pair_step.j_auth_seq_id_2 
_ndb_struct_na_base_pair_step.j_PDB_ins_code_2 
1 A DA 1 1_555 B DT 8 1_555 A DG 2 1_555 B DC 7 1_555 -0.065 0.584  3.119 -4.172 -0.398 25.064 1.438  -0.999 3.079 -0.909 9.528   
25.407 1 AA_DA1DG2:DC15DT16_BB A 1 ? B 16 ? A 2 ? B 15 ? 
1 A DG 2 1_555 B DC 7 1_555 A DG 3 1_555 B DC 6 1_555 -0.354 -0.560 3.507 1.028  2.103  37.432 -1.164 0.694  3.461 3.273  -1.600  
37.502 2 AA_DG2DG3:DC14DC15_BB A 2 ? B 15 ? A 3 ? B 14 ? 
1 A DG 3 1_555 B DC 6 1_555 A DC 4 1_555 B DG 5 1_555 0.405  -0.134 3.481 -1.196 -3.067 41.358 0.158  -0.707 3.470 -4.335 1.691   
41.483 3 AA_DG3DC4:DG13DC14_BB A 3 ? B 14 ? A 4 ? B 13 ? 
1 A DC 4 1_555 B DG 5 1_555 A DG 5 1_555 B DC 4 1_555 0.031  -0.340 2.757 -0.313 10.389 8.810  -9.781 -0.384 1.526 49.797 1.501   
13.618 4 AA_DC4DG5:DC12DG13_BB A 4 ? B 13 ? A 5 ? B 12 ? 
1 A DG 5 1_555 B DC 4 1_555 A DC 6 1_555 B DG 3 1_555 -0.300 -0.311 3.486 1.578  -1.708 41.914 -0.246 0.594  3.482 -2.386 -2.203  
41.975 5 AA_DG5DC6:DG11DC12_BB A 5 ? B 12 ? A 6 ? B 11 ? 
1 A DC 6 1_555 B DG 3 1_555 A DC 7 1_555 B DG 2 1_555 0.246  -0.759 3.605 -1.849 1.816  38.110 -1.410 -0.632 3.552 2.777  2.828   
38.195 6 AA_DC6DC7:DG10DG11_BB A 6 ? B 11 ? A 7 ? B 10 ? 
1 A DC 7 1_555 B DG 2 1_555 A DT 8 1_555 B DA 1 1_555 -0.295 0.351  3.073 4.356  0.573  23.476 0.673  2.038  2.977 1.392  -10.587 
23.878 7 AA_DC7DT8:DA9DG10_BB  A 7 ? B 10 ? A 8 ? B 9  ? 
# 
_pdbx_nmr_spectrometer.field_strength    500 
_pdbx_nmr_spectrometer.manufacturer      Bruker 
_pdbx_nmr_spectrometer.model             AVANCE 
_pdbx_nmr_spectrometer.spectrometer_id   1 
_pdbx_nmr_spectrometer.type              'Bruker Avance' 
# 
_atom_sites.entry_id                    2KNK 
_atom_sites.fract_transf_matrix[1][1]   1.000000 
_atom_sites.fract_transf_matrix[1][2]   0.000000 
_atom_sites.fract_transf_matrix[1][3]   0.000000 
_atom_sites.fract_transf_matrix[2][1]   0.000000 
_atom_sites.fract_transf_matrix[2][2]   1.000000 
_atom_sites.fract_transf_matrix[2][3]   0.000000 
_atom_sites.fract_transf_matrix[3][1]   0.000000 
_atom_sites.fract_transf_matrix[3][2]   0.000000 
_atom_sites.fract_transf_matrix[3][3]   1.000000 
_atom_sites.fract_transf_vector[1]      0.00000 
_atom_sites.fract_transf_vector[2]      0.00000 
_atom_sites.fract_transf_vector[3]      0.00000 
# 
loop_
_atom_type.symbol 
C 
H 
N 
O 
P 
# 
loop_
_atom_site.group_PDB 
_atom_site.id 
_atom_site.type_symbol 
_atom_site.label_atom_id 
_atom_site.label_alt_id 
_atom_site.label_comp_id 
_atom_site.label_asym_id 
_atom_site.label_entity_id 
_atom_site.label_seq_id 
_atom_site.pdbx_PDB_ins_code 
_atom_site.Cartn_x 
_atom_site.Cartn_y 
_atom_site.Cartn_z 
_atom_site.occupancy 
_atom_site.B_iso_or_equiv 
_atom_site.pdbx_formal_charge 
_atom_site.auth_seq_id 
_atom_site.auth_comp_id 
_atom_site.auth_asym_id 
_atom_site.auth_atom_id 
_atom_site.pdbx_PDB_model_num 
ATOM   1   O "O5'"  . DA  A 1 1 ? 4.540   12.944  10.658  1.00 0.00 ? 1  DA  A "O5'"  1 
ATOM   2   C "C5'"  . DA  A 1 1 ? 5.449   12.602  9.611   1.00 0.00 ? 1  DA  A "C5'"  1 
ATOM   3   C "C4'"  . DA  A 1 1 ? 4.907   11.533  8.646   1.00 0.00 ? 1  DA  A "C4'"  1 
ATOM   4   O "O4'"  . DA  A 1 1 ? 4.581   10.309  9.288   1.00 0.00 ? 1  DA  A "O4'"  1 
ATOM   5   C "C3'"  . DA  A 1 1 ? 3.656   11.973  7.871   1.00 0.00 ? 1  DA  A "C3'"  1 
ATOM   6   O "O3'"  . DA  A 1 1 ? 4.055   12.443  6.586   1.00 0.00 ? 1  DA  A "O3'"  1 
ATOM   7   C "C2'"  . DA  A 1 1 ? 2.795   10.700  7.849   1.00 0.00 ? 1  DA  A "C2'"  1 
ATOM   8   C "C1'"  . DA  A 1 1 ? 3.734   9.618   8.388   1.00 0.00 ? 1  DA  A "C1'"  1 
ATOM   9   N N9     . DA  A 1 1 ? 3.090   8.458   9.058   1.00 0.00 ? 1  DA  A N9     1 
ATOM   10  C C8     . DA  A 1 1 ? 1.836   8.329   9.618   1.00 0.00 ? 1  DA  A C8     1 
ATOM   11  N N7     . DA  A 1 1 ? 1.594   7.154   10.147  1.00 0.00 ? 1  DA  A N7     1 
ATOM   12  C C5     . DA  A 1 1 ? 2.782   6.445   9.894   1.00 0.00 ? 1  DA  A C5     1 
ATOM   13  C C6     . DA  A 1 1 ? 3.255   5.133   10.166  1.00 0.00 ? 1  DA  A C6     1 
ATOM   14  N N6     . DA  A 1 1 ? 2.592   4.187   10.807  1.00 0.00 ? 1  DA  A N6     1 
ATOM   15  N N1     . DA  A 1 1 ? 4.474   4.749   9.786   1.00 0.00 ? 1  DA  A N1     1 
ATOM   16  C C2     . DA  A 1 1 ? 5.238   5.623   9.145   1.00 0.00 ? 1  DA  A C2     1 
ATOM   17  N N3     . DA  A 1 1 ? 4.939   6.873   8.814   1.00 0.00 ? 1  DA  A N3     1 
ATOM   18  C C4     . DA  A 1 1 ? 3.687   7.229   9.227   1.00 0.00 ? 1  DA  A C4     1 
ATOM   19  H "H5'"  . DA  A 1 1 ? 6.390   12.248  10.038  1.00 0.00 ? 1  DA  A "H5'"  1 
ATOM   20  H "H5''" . DA  A 1 1 ? 5.666   13.498  9.027   1.00 0.00 ? 1  DA  A "H5''" 1 
ATOM   21  H "H4'"  . DA  A 1 1 ? 5.692   11.325  7.913   1.00 0.00 ? 1  DA  A "H4'"  1 
ATOM   22  H "H3'"  . DA  A 1 1 ? 3.133   12.759  8.419   1.00 0.00 ? 1  DA  A "H3'"  1 
ATOM   23  H "H2'"  . DA  A 1 1 ? 1.943   10.848  8.511   1.00 0.00 ? 1  DA  A "H2'"  1 
ATOM   24  H "H2''" . DA  A 1 1 ? 2.451   10.449  6.847   1.00 0.00 ? 1  DA  A "H2''" 1 
ATOM   25  H "H1'"  . DA  A 1 1 ? 4.336   9.242   7.553   1.00 0.00 ? 1  DA  A "H1'"  1 
ATOM   26  H H8     . DA  A 1 1 ? 1.116   9.140   9.640   1.00 0.00 ? 1  DA  A H8     1 
ATOM   27  H H61    . DA  A 1 1 ? 1.660   4.372   11.143  1.00 0.00 ? 1  DA  A H61    1 
ATOM   28  H H62    . DA  A 1 1 ? 3.038   3.285   10.938  1.00 0.00 ? 1  DA  A H62    1 
ATOM   29  H H2     . DA  A 1 1 ? 6.219   5.274   8.849   1.00 0.00 ? 1  DA  A H2     1 
ATOM   30  H "HO5'" . DA  A 1 1 ? 4.530   12.225  11.325  1.00 0.00 ? 1  DA  A "HO5'" 1 
ATOM   31  P P      . DG  A 1 2 ? 3.023   13.062  5.516   1.00 0.00 ? 2  DG  A P      1 
ATOM   32  O OP1    . DG  A 1 2 ? 3.746   14.098  4.736   1.00 0.00 ? 2  DG  A OP1    1 
ATOM   33  O OP2    . DG  A 1 2 ? 1.771   13.443  6.216   1.00 0.00 ? 2  DG  A OP2    1 
ATOM   34  O "O5'"  . DG  A 1 2 ? 2.683   11.822  4.535   1.00 0.00 ? 2  DG  A "O5'"  1 
ATOM   35  C "C5'"  . DG  A 1 2 ? 3.552   11.400  3.486   1.00 0.00 ? 2  DG  A "C5'"  1 
ATOM   36  C "C4'"  . DG  A 1 2 ? 4.916   10.839  3.946   1.00 0.00 ? 2  DG  A "C4'"  1 
ATOM   37  O "O4'"  . DG  A 1 2 ? 4.767   9.901   5.011   1.00 0.00 ? 2  DG  A "O4'"  1 
ATOM   38  C "C3'"  . DG  A 1 2 ? 5.571   10.081  2.776   1.00 0.00 ? 2  DG  A "C3'"  1 
ATOM   39  O "O3'"  . DG  A 1 2 ? 6.992   10.180  2.807   1.00 0.00 ? 2  DG  A "O3'"  1 
ATOM   40  C "C2'"  . DG  A 1 2 ? 5.074   8.654   3.023   1.00 0.00 ? 2  DG  A "C2'"  1 
ATOM   41  C "C1'"  . DG  A 1 2 ? 4.988   8.580   4.544   1.00 0.00 ? 2  DG  A "C1'"  1 
ATOM   42  N N9     . DG  A 1 2 ? 3.903   7.694   5.025   1.00 0.00 ? 2  DG  A N9     1 
ATOM   43  C C8     . DG  A 1 2 ? 2.580   8.004   5.218   1.00 0.00 ? 2  DG  A C8     1 
ATOM   44  N N7     . DG  A 1 2 ? 1.885   7.060   5.800   1.00 0.00 ? 2  DG  A N7     1 
ATOM   45  C C5     . DG  A 1 2 ? 2.818   6.025   5.968   1.00 0.00 ? 2  DG  A C5     1 
ATOM   46  C C6     . DG  A 1 2 ? 2.701   4.718   6.569   1.00 0.00 ? 2  DG  A C6     1 
ATOM   47  O O6     . DG  A 1 2 ? 1.734   4.195   7.125   1.00 0.00 ? 2  DG  A O6     1 
ATOM   48  N N1     . DG  A 1 2 ? 3.867   3.983   6.515   1.00 0.00 ? 2  DG  A N1     1 
ATOM   49  C C2     . DG  A 1 2 ? 5.029   4.450   6.000   1.00 0.00 ? 2  DG  A C2     1 
ATOM   50  N N2     . DG  A 1 2 ? 6.063   3.657   6.050   1.00 0.00 ? 2  DG  A N2     1 
ATOM   51  N N3     . DG  A 1 2 ? 5.197   5.656   5.468   1.00 0.00 ? 2  DG  A N3     1 
ATOM   52  C C4     . DG  A 1 2 ? 4.049   6.400   5.473   1.00 0.00 ? 2  DG  A C4     1 
ATOM   53  H "H5'"  . DG  A 1 2 ? 3.746   12.242  2.819   1.00 0.00 ? 2  DG  A "H5'"  1 
ATOM   54  H "H5''" . DG  A 1 2 ? 3.034   10.639  2.904   1.00 0.00 ? 2  DG  A "H5''" 1 
ATOM   55  H "H4'"  . DG  A 1 2 ? 5.555   11.664  4.261   1.00 0.00 ? 2  DG  A "H4'"  1 
ATOM   56  H "H3'"  . DG  A 1 2 ? 5.191   10.463  1.822   1.00 0.00 ? 2  DG  A "H3'"  1 
ATOM   57  H "H2'"  . DG  A 1 2 ? 4.089   8.517   2.572   1.00 0.00 ? 2  DG  A "H2'"  1 
ATOM   58  H "H2''" . DG  A 1 2 ? 5.761   7.902   2.647   1.00 0.00 ? 2  DG  A "H2''" 1 
ATOM   59  H "H1'"  . DG  A 1 2 ? 5.946   8.221   4.932   1.00 0.00 ? 2  DG  A "H1'"  1 
ATOM   60  H H8     . DG  A 1 2 ? 2.170   8.971   4.944   1.00 0.00 ? 2  DG  A H8     1 
ATOM   61  H H1     . DG  A 1 2 ? 3.852   3.066   6.937   1.00 0.00 ? 2  DG  A H1     1 
ATOM   62  H H21    . DG  A 1 2 ? 6.923   3.981   5.643   1.00 0.00 ? 2  DG  A H21    1 
ATOM   63  H H22    . DG  A 1 2 ? 5.972   2.715   6.422   1.00 0.00 ? 2  DG  A H22    1 
ATOM   64  P P      . DG  A 1 3 ? 7.909   9.763   1.545   1.00 0.00 ? 3  DG  A P      1 
ATOM   65  O OP1    . DG  A 1 3 ? 9.272   10.301  1.772   1.00 0.00 ? 3  DG  A OP1    1 
ATOM   66  O OP2    . DG  A 1 3 ? 7.197   10.140  0.300   1.00 0.00 ? 3  DG  A OP2    1 
ATOM   67  O "O5'"  . DG  A 1 3 ? 7.992   8.149   1.593   1.00 0.00 ? 3  DG  A "O5'"  1 
ATOM   68  C "C5'"  . DG  A 1 3 ? 8.751   7.464   2.586   1.00 0.00 ? 3  DG  A "C5'"  1 
ATOM   69  C "C4'"  . DG  A 1 3 ? 8.731   5.938   2.390   1.00 0.00 ? 3  DG  A "C4'"  1 
ATOM   70  O "O4'"  . DG  A 1 3 ? 7.504   5.401   2.864   1.00 0.00 ? 3  DG  A "O4'"  1 
ATOM   71  C "C3'"  . DG  A 1 3 ? 8.914   5.482   0.929   1.00 0.00 ? 3  DG  A "C3'"  1 
ATOM   72  O "O3'"  . DG  A 1 3 ? 9.964   4.521   0.867   1.00 0.00 ? 3  DG  A "O3'"  1 
ATOM   73  C "C2'"  . DG  A 1 3 ? 7.534   4.911   0.580   1.00 0.00 ? 3  DG  A "C2'"  1 
ATOM   74  C "C1'"  . DG  A 1 3 ? 7.038   4.434   1.941   1.00 0.00 ? 3  DG  A "C1'"  1 
ATOM   75  N N9     . DG  A 1 3 ? 5.566   4.341   2.077   1.00 0.00 ? 3  DG  A N9     1 
ATOM   76  C C8     . DG  A 1 3 ? 4.620   5.300   1.805   1.00 0.00 ? 3  DG  A C8     1 
ATOM   77  N N7     . DG  A 1 3 ? 3.421   5.018   2.244   1.00 0.00 ? 3  DG  A N7     1 
ATOM   78  C C5     . DG  A 1 3 ? 3.573   3.744   2.814   1.00 0.00 ? 3  DG  A C5     1 
ATOM   79  C C6     . DG  A 1 3 ? 2.641   2.876   3.491   1.00 0.00 ? 3  DG  A C6     1 
ATOM   80  O O6     . DG  A 1 3 ? 1.463   3.073   3.792   1.00 0.00 ? 3  DG  A O6     1 
ATOM   81  N N1     . DG  A 1 3 ? 3.186   1.664   3.861   1.00 0.00 ? 3  DG  A N1     1 
ATOM   82  C C2     . DG  A 1 3 ? 4.479   1.324   3.655   1.00 0.00 ? 3  DG  A C2     1 
ATOM   83  N N2     . DG  A 1 3 ? 4.840   0.120   4.007   1.00 0.00 ? 3  DG  A N2     1 
ATOM   84  N N3     . DG  A 1 3 ? 5.390   2.106   3.084   1.00 0.00 ? 3  DG  A N3     1 
ATOM   85  C C4     . DG  A 1 3 ? 4.875   3.308   2.677   1.00 0.00 ? 3  DG  A C4     1 
ATOM   86  H "H5'"  . DG  A 1 3 ? 8.360   7.700   3.579   1.00 0.00 ? 3  DG  A "H5'"  1 
ATOM   87  H "H5''" . DG  A 1 3 ? 9.788   7.803   2.545   1.00 0.00 ? 3  DG  A "H5''" 1 
ATOM   88  H "H4'"  . DG  A 1 3 ? 9.538   5.514   2.991   1.00 0.00 ? 3  DG  A "H4'"  1 
ATOM   89  H "H3'"  . DG  A 1 3 ? 9.150   6.332   0.285   1.00 0.00 ? 3  DG  A "H3'"  1 
ATOM   90  H "H2'"  . DG  A 1 3 ? 6.903   5.706   0.183   1.00 0.00 ? 3  DG  A "H2'"  1 
ATOM   91  H "H2''" . DG  A 1 3 ? 7.591   4.091   -0.130  1.00 0.00 ? 3  DG  A "H2''" 1 
ATOM   92  H "H1'"  . DG  A 1 3 ? 7.489   3.464   2.157   1.00 0.00 ? 3  DG  A "H1'"  1 
ATOM   93  H H8     . DG  A 1 3 ? 4.869   6.230   1.308   1.00 0.00 ? 3  DG  A H8     1 
ATOM   94  H H1     . DG  A 1 3 ? 2.576   1.005   4.321   1.00 0.00 ? 3  DG  A H1     1 
ATOM   95  H H21    . DG  A 1 3 ? 5.791   -0.154  3.843   1.00 0.00 ? 3  DG  A H21    1 
ATOM   96  H H22    . DG  A 1 3 ? 4.145   -0.538  4.353   1.00 0.00 ? 3  DG  A H22    1 
ATOM   97  P P      . DC  A 1 4 ? 10.449  3.829   -0.514  1.00 0.00 ? 4  DC  A P      1 
ATOM   98  O OP1    . DC  A 1 4 ? 11.887  3.488   -0.375  1.00 0.00 ? 4  DC  A OP1    1 
ATOM   99  O OP2    . DC  A 1 4 ? 10.022  4.675   -1.656  1.00 0.00 ? 4  DC  A OP2    1 
ATOM   100 O "O5'"  . DC  A 1 4 ? 9.589   2.468   -0.568  1.00 0.00 ? 4  DC  A "O5'"  1 
ATOM   101 C "C5'"  . DC  A 1 4 ? 9.709   1.454   0.424   1.00 0.00 ? 4  DC  A "C5'"  1 
ATOM   102 C "C4'"  . DC  A 1 4 ? 8.585   0.413   0.299   1.00 0.00 ? 4  DC  A "C4'"  1 
ATOM   103 O "O4'"  . DC  A 1 4 ? 7.342   1.006   0.633   1.00 0.00 ? 4  DC  A "O4'"  1 
ATOM   104 C "C3'"  . DC  A 1 4 ? 8.420   -0.201  -1.100  1.00 0.00 ? 4  DC  A "C3'"  1 
ATOM   105 O "O3'"  . DC  A 1 4 ? 9.097   -1.451  -1.191  1.00 0.00 ? 4  DC  A "O3'"  1 
ATOM   106 C "C2'"  . DC  A 1 4 ? 6.897   -0.341  -1.233  1.00 0.00 ? 4  DC  A "C2'"  1 
ATOM   107 C "C1'"  . DC  A 1 4 ? 6.322   0.199   0.080   1.00 0.00 ? 4  DC  A "C1'"  1 
ATOM   108 N N1     . DC  A 1 4 ? 5.076   0.995   -0.102  1.00 0.00 ? 4  DC  A N1     1 
ATOM   109 C C2     . DC  A 1 4 ? 3.860   0.497   0.389   1.00 0.00 ? 4  DC  A C2     1 
ATOM   110 O O2     . DC  A 1 4 ? 3.753   -0.632  0.868   1.00 0.00 ? 4  DC  A O2     1 
ATOM   111 N N3     . DC  A 1 4 ? 2.737   1.252   0.354   1.00 0.00 ? 4  DC  A N3     1 
ATOM   112 C C4     . DC  A 1 4 ? 2.806   2.449   -0.191  1.00 0.00 ? 4  DC  A C4     1 
ATOM   113 N N4     . DC  A 1 4 ? 1.716   3.154   -0.141  1.00 0.00 ? 4  DC  A N4     1 
ATOM   114 C C5     . DC  A 1 4 ? 3.993   2.994   -0.752  1.00 0.00 ? 4  DC  A C5     1 
ATOM   115 C C6     . DC  A 1 4 ? 5.115   2.233   -0.695  1.00 0.00 ? 4  DC  A C6     1 
ATOM   116 H "H5'"  . DC  A 1 4 ? 9.645   1.903   1.417   1.00 0.00 ? 4  DC  A "H5'"  1 
ATOM   117 H "H5''" . DC  A 1 4 ? 10.675  0.952   0.332   1.00 0.00 ? 4  DC  A "H5''" 1 
ATOM   118 H "H4'"  . DC  A 1 4 ? 8.778   -0.399  1.004   1.00 0.00 ? 4  DC  A "H4'"  1 
ATOM   119 H "H3'"  . DC  A 1 4 ? 8.788   0.499   -1.852  1.00 0.00 ? 4  DC  A "H3'"  1 
ATOM   120 H "H2'"  . DC  A 1 4 ? 6.548   0.235   -2.091  1.00 0.00 ? 4  DC  A "H2'"  1 
ATOM   121 H "H2''" . DC  A 1 4 ? 6.605   -1.382  -1.343  1.00 0.00 ? 4  DC  A "H2''" 1 
ATOM   122 H "H1'"  . DC  A 1 4 ? 6.137   -0.643  0.756   1.00 0.00 ? 4  DC  A "H1'"  1 
ATOM   123 H H41    . DC  A 1 4 ? 1.705   4.090   -0.500  1.00 0.00 ? 4  DC  A H41    1 
ATOM   124 H H42    . DC  A 1 4 ? 0.908   2.733   0.304   1.00 0.00 ? 4  DC  A H42    1 
ATOM   125 H H5     . DC  A 1 4 ? 4.024   3.974   -1.201  1.00 0.00 ? 4  DC  A H5     1 
ATOM   126 H H6     . DC  A 1 4 ? 6.056   2.599   -1.092  1.00 0.00 ? 4  DC  A H6     1 
ATOM   127 P P      . DG  A 1 5 ? 9.511   -2.100  -2.612  1.00 0.00 ? 5  DG  A P      1 
ATOM   128 O OP1    . DG  A 1 5 ? 10.348  -3.296  -2.338  1.00 0.00 ? 5  DG  A OP1    1 
ATOM   129 O OP2    . DG  A 1 5 ? 10.064  -1.034  -3.482  1.00 0.00 ? 5  DG  A OP2    1 
ATOM   130 O "O5'"  . DG  A 1 5 ? 8.112   -2.587  -3.245  1.00 0.00 ? 5  DG  A "O5'"  1 
ATOM   131 C "C5'"  . DG  A 1 5 ? 7.440   -3.742  -2.756  1.00 0.00 ? 5  DG  A "C5'"  1 
ATOM   132 C "C4'"  . DG  A 1 5 ? 6.008   -3.878  -3.298  1.00 0.00 ? 5  DG  A "C4'"  1 
ATOM   133 O "O4'"  . DG  A 1 5 ? 5.136   -2.955  -2.643  1.00 0.00 ? 5  DG  A "O4'"  1 
ATOM   134 C "C3'"  . DG  A 1 5 ? 5.898   -3.619  -4.818  1.00 0.00 ? 5  DG  A "C3'"  1 
ATOM   135 O "O3'"  . DG  A 1 5 ? 5.032   -4.521  -5.497  1.00 0.00 ? 5  DG  A "O3'"  1 
ATOM   136 C "C2'"  . DG  A 1 5 ? 5.212   -2.258  -4.839  1.00 0.00 ? 5  DG  A "C2'"  1 
ATOM   137 C "C1'"  . DG  A 1 5 ? 4.282   -2.434  -3.641  1.00 0.00 ? 5  DG  A "C1'"  1 
ATOM   138 N N9     . DG  A 1 5 ? 3.536   -1.213  -3.249  1.00 0.00 ? 5  DG  A N9     1 
ATOM   139 C C8     . DG  A 1 5 ? 3.706   0.087   -3.666  1.00 0.00 ? 5  DG  A C8     1 
ATOM   140 N N7     . DG  A 1 5 ? 2.727   0.890   -3.336  1.00 0.00 ? 5  DG  A N7     1 
ATOM   141 C C5     . DG  A 1 5 ? 1.831   0.057   -2.648  1.00 0.00 ? 5  DG  A C5     1 
ATOM   142 C C6     . DG  A 1 5 ? 0.539   0.305   -2.061  1.00 0.00 ? 5  DG  A C6     1 
ATOM   143 O O6     . DG  A 1 5 ? -0.105  1.352   -2.013  1.00 0.00 ? 5  DG  A O6     1 
ATOM   144 N N1     . DG  A 1 5 ? -0.032  -0.808  -1.475  1.00 0.00 ? 5  DG  A N1     1 
ATOM   145 C C2     . DG  A 1 5 ? 0.565   -2.031  -1.405  1.00 0.00 ? 5  DG  A C2     1 
ATOM   146 N N2     . DG  A 1 5 ? -0.074  -2.947  -0.683  1.00 0.00 ? 5  DG  A N2     1 
ATOM   147 N N3     . DG  A 1 5 ? 1.750   -2.298  -1.971  1.00 0.00 ? 5  DG  A N3     1 
ATOM   148 C C4     . DG  A 1 5 ? 2.337   -1.221  -2.570  1.00 0.00 ? 5  DG  A C4     1 
ATOM   149 H "H5'"  . DG  A 1 5 ? 7.395   -3.707  -1.665  1.00 0.00 ? 5  DG  A "H5'"  1 
ATOM   150 H "H5''" . DG  A 1 5 ? 8.005   -4.632  -3.043  1.00 0.00 ? 5  DG  A "H5''" 1 
ATOM   151 H "H4'"  . DG  A 1 5 ? 5.665   -4.888  -3.084  1.00 0.00 ? 5  DG  A "H4'"  1 
ATOM   152 H "H3'"  . DG  A 1 5 ? 6.877   -3.575  -5.302  1.00 0.00 ? 5  DG  A "H3'"  1 
ATOM   153 H "H2'"  . DG  A 1 5 ? 5.940   -1.466  -4.658  1.00 0.00 ? 5  DG  A "H2'"  1 
ATOM   154 H "H2''" . DG  A 1 5 ? 4.663   -2.089  -5.766  1.00 0.00 ? 5  DG  A "H2''" 1 
ATOM   155 H "H1'"  . DG  A 1 5 ? 3.545   -3.203  -3.886  1.00 0.00 ? 5  DG  A "H1'"  1 
ATOM   156 H H8     . DG  A 1 5 ? 4.569   0.411   -4.233  1.00 0.00 ? 5  DG  A H8     1 
ATOM   157 H H1     . DG  A 1 5 ? -0.953  -0.688  -1.080  1.00 0.00 ? 5  DG  A H1     1 
ATOM   158 H H22    . DG  A 1 5 ? -1.002  -2.706  -0.354  1.00 0.00 ? 5  DG  A H22    1 
ATOM   159 P P      . DC  A 1 6 ? 5.442   -6.034  -5.864  1.00 0.00 ? 6  DC  A P      1 
ATOM   160 O OP1    . DC  A 1 6 ? 6.598   -6.460  -5.036  1.00 0.00 ? 6  DC  A OP1    1 
ATOM   161 O OP2    . DC  A 1 6 ? 5.534   -6.134  -7.342  1.00 0.00 ? 6  DC  A OP2    1 
ATOM   162 O "O5'"  . DC  A 1 6 ? 4.125   -6.833  -5.387  1.00 0.00 ? 6  DC  A "O5'"  1 
ATOM   163 C "C5'"  . DC  A 1 6 ? 3.946   -7.260  -4.039  1.00 0.00 ? 6  DC  A "C5'"  1 
ATOM   164 C "C4'"  . DC  A 1 6 ? 2.480   -7.199  -3.583  1.00 0.00 ? 6  DC  A "C4'"  1 
ATOM   165 O "O4'"  . DC  A 1 6 ? 2.070   -5.839  -3.486  1.00 0.00 ? 6  DC  A "O4'"  1 
ATOM   166 C "C3'"  . DC  A 1 6 ? 1.508   -7.939  -4.516  1.00 0.00 ? 6  DC  A "C3'"  1 
ATOM   167 O "O3'"  . DC  A 1 6 ? 0.704   -8.838  -3.754  1.00 0.00 ? 6  DC  A "O3'"  1 
ATOM   168 C "C2'"  . DC  A 1 6 ? 0.696   -6.798  -5.130  1.00 0.00 ? 6  DC  A "C2'"  1 
ATOM   169 C "C1'"  . DC  A 1 6 ? 0.786   -5.705  -4.067  1.00 0.00 ? 6  DC  A "C1'"  1 
ATOM   170 N N1     . DC  A 1 6 ? 0.620   -4.334  -4.625  1.00 0.00 ? 6  DC  A N1     1 
ATOM   171 C C2     . DC  A 1 6 ? -0.497  -3.575  -4.254  1.00 0.00 ? 6  DC  A C2     1 
ATOM   172 O O2     . DC  A 1 6 ? -1.416  -4.040  -3.582  1.00 0.00 ? 6  DC  A O2     1 
ATOM   173 N N3     . DC  A 1 6 ? -0.612  -2.281  -4.635  1.00 0.00 ? 6  DC  A N3     1 
ATOM   174 C C4     . DC  A 1 6 ? 0.326   -1.765  -5.397  1.00 0.00 ? 6  DC  A C4     1 
ATOM   175 N N4     . DC  A 1 6 ? 0.179   -0.505  -5.685  1.00 0.00 ? 6  DC  A N4     1 
ATOM   176 C C5     . DC  A 1 6 ? 1.450   -2.498  -5.866  1.00 0.00 ? 6  DC  A C5     1 
ATOM   177 C C6     . DC  A 1 6 ? 1.565   -3.789  -5.460  1.00 0.00 ? 6  DC  A C6     1 
ATOM   178 H "H5'"  . DC  A 1 6 ? 4.525   -6.634  -3.361  1.00 0.00 ? 6  DC  A "H5'"  1 
ATOM   179 H "H5''" . DC  A 1 6 ? 4.308   -8.284  -3.941  1.00 0.00 ? 6  DC  A "H5''" 1 
ATOM   180 H "H4'"  . DC  A 1 6 ? 2.418   -7.650  -2.592  1.00 0.00 ? 6  DC  A "H4'"  1 
ATOM   181 H "H3'"  . DC  A 1 6 ? 2.060   -8.474  -5.290  1.00 0.00 ? 6  DC  A "H3'"  1 
ATOM   182 H "H2'"  . DC  A 1 6 ? 1.163   -6.479  -6.062  1.00 0.00 ? 6  DC  A "H2'"  1 
ATOM   183 H "H2''" . DC  A 1 6 ? -0.339  -7.078  -5.303  1.00 0.00 ? 6  DC  A "H2''" 1 
ATOM   184 H "H1'"  . DC  A 1 6 ? 0.026   -5.905  -3.305  1.00 0.00 ? 6  DC  A "H1'"  1 
ATOM   185 H H41    . DC  A 1 6 ? 0.861   -0.035  -6.253  1.00 0.00 ? 6  DC  A H41    1 
ATOM   186 H H42    . DC  A 1 6 ? -0.635  -0.029  -5.312  1.00 0.00 ? 6  DC  A H42    1 
ATOM   187 H H5     . DC  A 1 6 ? 2.202   -2.063  -6.505  1.00 0.00 ? 6  DC  A H5     1 
ATOM   188 H H6     . DC  A 1 6 ? 2.416   -4.395  -5.761  1.00 0.00 ? 6  DC  A H6     1 
ATOM   189 P P      . DC  A 1 7 ? -0.165  -10.018 -4.436  1.00 0.00 ? 7  DC  A P      1 
ATOM   190 O OP1    . DC  A 1 7 ? -0.490  -11.006 -3.377  1.00 0.00 ? 7  DC  A OP1    1 
ATOM   191 O OP2    . DC  A 1 7 ? 0.545   -10.491 -5.652  1.00 0.00 ? 7  DC  A OP2    1 
ATOM   192 O "O5'"  . DC  A 1 7 ? -1.529  -9.296  -4.903  1.00 0.00 ? 7  DC  A "O5'"  1 
ATOM   193 C "C5'"  . DC  A 1 7 ? -2.554  -8.968  -3.971  1.00 0.00 ? 7  DC  A "C5'"  1 
ATOM   194 C "C4'"  . DC  A 1 7 ? -3.664  -8.100  -4.585  1.00 0.00 ? 7  DC  A "C4'"  1 
ATOM   195 O "O4'"  . DC  A 1 7 ? -3.200  -6.786  -4.841  1.00 0.00 ? 7  DC  A "O4'"  1 
ATOM   196 C "C3'"  . DC  A 1 7 ? -4.234  -8.626  -5.909  1.00 0.00 ? 7  DC  A "C3'"  1 
ATOM   197 O "O3'"  . DC  A 1 7 ? -5.334  -9.499  -5.674  1.00 0.00 ? 7  DC  A "O3'"  1 
ATOM   198 C "C2'"  . DC  A 1 7 ? -4.620  -7.336  -6.642  1.00 0.00 ? 7  DC  A "C2'"  1 
ATOM   199 C "C1'"  . DC  A 1 7 ? -4.085  -6.192  -5.773  1.00 0.00 ? 7  DC  A "C1'"  1 
ATOM   200 N N1     . DC  A 1 7 ? -3.361  -5.153  -6.557  1.00 0.00 ? 7  DC  A N1     1 
ATOM   201 C C2     . DC  A 1 7 ? -3.941  -3.892  -6.728  1.00 0.00 ? 7  DC  A C2     1 
ATOM   202 O O2     . DC  A 1 7 ? -5.094  -3.645  -6.372  1.00 0.00 ? 7  DC  A O2     1 
ATOM   203 N N3     . DC  A 1 7 ? -3.252  -2.887  -7.320  1.00 0.00 ? 7  DC  A N3     1 
ATOM   204 C C4     . DC  A 1 7 ? -2.047  -3.143  -7.781  1.00 0.00 ? 7  DC  A C4     1 
ATOM   205 N N4     . DC  A 1 7 ? -1.423  -2.136  -8.319  1.00 0.00 ? 7  DC  A N4     1 
ATOM   206 C C5     . DC  A 1 7 ? -1.429  -4.421  -7.705  1.00 0.00 ? 7  DC  A C5     1 
ATOM   207 C C6     . DC  A 1 7 ? -2.121  -5.411  -7.088  1.00 0.00 ? 7  DC  A C6     1 
ATOM   208 H "H5'"  . DC  A 1 7 ? -2.124  -8.427  -3.125  1.00 0.00 ? 7  DC  A "H5'"  1 
ATOM   209 H "H5''" . DC  A 1 7 ? -3.004  -9.888  -3.595  1.00 0.00 ? 7  DC  A "H5''" 1 
ATOM   210 H "H4'"  . DC  A 1 7 ? -4.484  -8.036  -3.866  1.00 0.00 ? 7  DC  A "H4'"  1 
ATOM   211 H "H3'"  . DC  A 1 7 ? -3.447  -9.136  -6.469  1.00 0.00 ? 7  DC  A "H3'"  1 
ATOM   212 H "H2'"  . DC  A 1 7 ? -4.158  -7.333  -7.628  1.00 0.00 ? 7  DC  A "H2'"  1 
ATOM   213 H "H2''" . DC  A 1 7 ? -5.700  -7.237  -6.737  1.00 0.00 ? 7  DC  A "H2''" 1 
ATOM   214 H "H1'"  . DC  A 1 7 ? -4.925  -5.741  -5.232  1.00 0.00 ? 7  DC  A "H1'"  1 
ATOM   215 H H41    . DC  A 1 7 ? -0.495  -2.258  -8.681  1.00 0.00 ? 7  DC  A H41    1 
ATOM   216 H H42    . DC  A 1 7 ? -1.878  -1.230  -8.280  1.00 0.00 ? 7  DC  A H42    1 
ATOM   217 H H5     . DC  A 1 7 ? -0.447  -4.616  -8.108  1.00 0.00 ? 7  DC  A H5     1 
ATOM   218 H H6     . DC  A 1 7 ? -1.704  -6.407  -6.989  1.00 0.00 ? 7  DC  A H6     1 
ATOM   219 P P      . DT  A 1 8 ? -6.069  -10.321 -6.857  1.00 0.00 ? 8  DT  A P      1 
ATOM   220 O OP1    . DT  A 1 8 ? -6.769  -11.475 -6.241  1.00 0.00 ? 8  DT  A OP1    1 
ATOM   221 O OP2    . DT  A 1 8 ? -5.094  -10.577 -7.947  1.00 0.00 ? 8  DT  A OP2    1 
ATOM   222 O "O5'"  . DT  A 1 8 ? -7.181  -9.298  -7.415  1.00 0.00 ? 8  DT  A "O5'"  1 
ATOM   223 C "C5'"  . DT  A 1 8 ? -8.240  -8.840  -6.582  1.00 0.00 ? 8  DT  A "C5'"  1 
ATOM   224 C "C4'"  . DT  A 1 8 ? -9.085  -7.738  -7.242  1.00 0.00 ? 8  DT  A "C4'"  1 
ATOM   225 O "O4'"  . DT  A 1 8 ? -8.251  -6.618  -7.516  1.00 0.00 ? 8  DT  A "O4'"  1 
ATOM   226 C "C3'"  . DT  A 1 8 ? -9.751  -8.177  -8.559  1.00 0.00 ? 8  DT  A "C3'"  1 
ATOM   227 O "O3'"  . DT  A 1 8 ? -11.066 -7.638  -8.682  1.00 0.00 ? 8  DT  A "O3'"  1 
ATOM   228 C "C2'"  . DT  A 1 8 ? -8.833  -7.567  -9.612  1.00 0.00 ? 8  DT  A "C2'"  1 
ATOM   229 C "C1'"  . DT  A 1 8 ? -8.338  -6.303  -8.896  1.00 0.00 ? 8  DT  A "C1'"  1 
ATOM   230 N N1     . DT  A 1 8 ? -7.036  -5.741  -9.369  1.00 0.00 ? 8  DT  A N1     1 
ATOM   231 C C2     . DT  A 1 8 ? -6.930  -4.344  -9.447  1.00 0.00 ? 8  DT  A C2     1 
ATOM   232 O O2     . DT  A 1 8 ? -7.850  -3.566  -9.191  1.00 0.00 ? 8  DT  A O2     1 
ATOM   233 N N3     . DT  A 1 8 ? -5.723  -3.834  -9.859  1.00 0.00 ? 8  DT  A N3     1 
ATOM   234 C C4     . DT  A 1 8 ? -4.619  -4.562  -10.233 1.00 0.00 ? 8  DT  A C4     1 
ATOM   235 O O4     . DT  A 1 8 ? -3.617  -3.956  -10.609 1.00 0.00 ? 8  DT  A O4     1 
ATOM   236 C C5     . DT  A 1 8 ? -4.785  -6.012  -10.133 1.00 0.00 ? 8  DT  A C5     1 
ATOM   237 C C7     . DT  A 1 8 ? -3.643  -6.939  -10.517 1.00 0.00 ? 8  DT  A C7     1 
ATOM   238 C C6     . DT  A 1 8 ? -5.962  -6.547  -9.709  1.00 0.00 ? 8  DT  A C6     1 
ATOM   239 H "H5'"  . DT  A 1 8 ? -7.825  -8.439  -5.656  1.00 0.00 ? 8  DT  A "H5'"  1 
ATOM   240 H "H5''" . DT  A 1 8 ? -8.891  -9.678  -6.327  1.00 0.00 ? 8  DT  A "H5''" 1 
ATOM   241 H "H4'"  . DT  A 1 8 ? -9.865  -7.442  -6.537  1.00 0.00 ? 8  DT  A "H4'"  1 
ATOM   242 H "H3'"  . DT  A 1 8 ? -9.770  -9.268  -8.641  1.00 0.00 ? 8  DT  A "H3'"  1 
ATOM   243 H "HO3'" . DT  A 1 8 ? -11.510 -8.037  -9.458  1.00 0.00 ? 8  DT  A "HO3'" 1 
ATOM   244 H "H2'"  . DT  A 1 8 ? -8.031  -8.268  -9.827  1.00 0.00 ? 8  DT  A "H2'"  1 
ATOM   245 H "H2''" . DT  A 1 8 ? -9.367  -7.320  -10.531 1.00 0.00 ? 8  DT  A "H2''" 1 
ATOM   246 H "H1'"  . DT  A 1 8 ? -9.122  -5.551  -9.015  1.00 0.00 ? 8  DT  A "H1'"  1 
ATOM   247 H H3     . DT  A 1 8 ? -5.655  -2.830  -9.935  1.00 0.00 ? 8  DT  A H3     1 
ATOM   248 H H71    . DT  A 1 8 ? -3.976  -7.978  -10.562 1.00 0.00 ? 8  DT  A H71    1 
ATOM   249 H H72    . DT  A 1 8 ? -3.258  -6.651  -11.496 1.00 0.00 ? 8  DT  A H72    1 
ATOM   250 H H73    . DT  A 1 8 ? -2.836  -6.846  -9.790  1.00 0.00 ? 8  DT  A H73    1 
ATOM   251 H H6     . DT  A 1 8 ? -6.047  -7.623  -9.613  1.00 0.00 ? 8  DT  A H6     1 
ATOM   252 O "O5'"  . DA  B 1 1 ? -10.260 4.392   -13.823 1.00 0.00 ? 9  DA  B "O5'"  1 
ATOM   253 C "C5'"  . DA  B 1 1 ? -9.409  5.424   -13.330 1.00 0.00 ? 9  DA  B "C5'"  1 
ATOM   254 C "C4'"  . DA  B 1 1 ? -8.709  5.013   -12.025 1.00 0.00 ? 9  DA  B "C4'"  1 
ATOM   255 O "O4'"  . DA  B 1 1 ? -7.856  3.889   -12.205 1.00 0.00 ? 9  DA  B "O4'"  1 
ATOM   256 C "C3'"  . DA  B 1 1 ? -7.814  6.137   -11.474 1.00 0.00 ? 9  DA  B "C3'"  1 
ATOM   257 O "O3'"  . DA  B 1 1 ? -8.481  6.812   -10.411 1.00 0.00 ? 9  DA  B "O3'"  1 
ATOM   258 C "C2'"  . DA  B 1 1 ? -6.542  5.391   -11.045 1.00 0.00 ? 9  DA  B "C2'"  1 
ATOM   259 C "C1'"  . DA  B 1 1 ? -6.951  3.920   -11.121 1.00 0.00 ? 9  DA  B "C1'"  1 
ATOM   260 N N9     . DA  B 1 1 ? -5.844  2.945   -11.304 1.00 0.00 ? 9  DA  B N9     1 
ATOM   261 C C8     . DA  B 1 1 ? -4.573  3.126   -11.806 1.00 0.00 ? 9  DA  B C8     1 
ATOM   262 N N7     . DA  B 1 1 ? -3.831  2.045   -11.808 1.00 0.00 ? 9  DA  B N7     1 
ATOM   263 C C5     . DA  B 1 1 ? -4.680  1.079   -11.243 1.00 0.00 ? 9  DA  B C5     1 
ATOM   264 C C6     . DA  B 1 1 ? -4.567  -0.299  -10.924 1.00 0.00 ? 9  DA  B C6     1 
ATOM   265 N N6     . DA  B 1 1 ? -3.503  -1.052  -11.131 1.00 0.00 ? 9  DA  B N6     1 
ATOM   266 N N1     . DA  B 1 1 ? -5.582  -0.964  -10.370 1.00 0.00 ? 9  DA  B N1     1 
ATOM   267 C C2     . DA  B 1 1 ? -6.707  -0.303  -10.126 1.00 0.00 ? 9  DA  B C2     1 
ATOM   268 N N3     . DA  B 1 1 ? -6.965  0.977   -10.366 1.00 0.00 ? 9  DA  B N3     1 
ATOM   269 C C4     . DA  B 1 1 ? -5.903  1.620   -10.934 1.00 0.00 ? 9  DA  B C4     1 
ATOM   270 H "H5'"  . DA  B 1 1 ? -10.008 6.314   -13.132 1.00 0.00 ? 9  DA  B "H5'"  1 
ATOM   271 H "H5''" . DA  B 1 1 ? -8.655  5.678   -14.079 1.00 0.00 ? 9  DA  B "H5''" 1 
ATOM   272 H "H4'"  . DA  B 1 1 ? -9.467  4.771   -11.276 1.00 0.00 ? 9  DA  B "H4'"  1 
ATOM   273 H "H3'"  . DA  B 1 1 ? -7.569  6.839   -12.273 1.00 0.00 ? 9  DA  B "H3'"  1 
ATOM   274 H "H2'"  . DA  B 1 1 ? -5.750  5.616   -11.758 1.00 0.00 ? 9  DA  B "H2'"  1 
ATOM   275 H "H2''" . DA  B 1 1 ? -6.221  5.645   -10.039 1.00 0.00 ? 9  DA  B "H2''" 1 
ATOM   276 H "H1'"  . DA  B 1 1 ? -7.488  3.663   -10.202 1.00 0.00 ? 9  DA  B "H1'"  1 
ATOM   277 H H8     . DA  B 1 1 ? -4.221  4.079   -12.184 1.00 0.00 ? 9  DA  B H8     1 
ATOM   278 H H61    . DA  B 1 1 ? -2.679  -0.641  -11.543 1.00 0.00 ? 9  DA  B H61    1 
ATOM   279 H H62    . DA  B 1 1 ? -3.533  -2.032  -10.869 1.00 0.00 ? 9  DA  B H62    1 
ATOM   280 H H2     . DA  B 1 1 ? -7.507  -0.873  -9.672  1.00 0.00 ? 9  DA  B H2     1 
ATOM   281 H "HO5'" . DA  B 1 1 ? -9.717  3.602   -14.028 1.00 0.00 ? 9  DA  B "HO5'" 1 
ATOM   282 P P      . DG  B 1 2 ? -7.882  8.137   -9.710  1.00 0.00 ? 10 DG  B P      1 
ATOM   283 O OP1    . DG  B 1 2 ? -9.008  8.858   -9.066  1.00 0.00 ? 10 DG  B OP1    1 
ATOM   284 O OP2    . DG  B 1 2 ? -7.048  8.861   -10.700 1.00 0.00 ? 10 DG  B OP2    1 
ATOM   285 O "O5'"  . DG  B 1 2 ? -6.905  7.570   -8.554  1.00 0.00 ? 10 DG  B "O5'"  1 
ATOM   286 C "C5'"  . DG  B 1 2 ? -7.375  7.143   -7.277  1.00 0.00 ? 10 DG  B "C5'"  1 
ATOM   287 C "C4'"  . DG  B 1 2 ? -8.431  6.015   -7.314  1.00 0.00 ? 10 DG  B "C4'"  1 
ATOM   288 O "O4'"  . DG  B 1 2 ? -7.931  4.872   -8.004  1.00 0.00 ? 10 DG  B "O4'"  1 
ATOM   289 C "C3'"  . DG  B 1 2 ? -8.761  5.557   -5.884  1.00 0.00 ? 10 DG  B "C3'"  1 
ATOM   290 O "O3'"  . DG  B 1 2 ? -10.100 5.076   -5.794  1.00 0.00 ? 10 DG  B "O3'"  1 
ATOM   291 C "C2'"  . DG  B 1 2 ? -7.727  4.452   -5.679  1.00 0.00 ? 10 DG  B "C2'"  1 
ATOM   292 C "C1'"  . DG  B 1 2 ? -7.601  3.851   -7.076  1.00 0.00 ? 10 DG  B "C1'"  1 
ATOM   293 N N9     . DG  B 1 2 ? -6.241  3.333   -7.343  1.00 0.00 ? 10 DG  B N9     1 
ATOM   294 C C8     . DG  B 1 2 ? -5.123  4.024   -7.744  1.00 0.00 ? 10 DG  B C8     1 
ATOM   295 N N7     . DG  B 1 2 ? -4.068  3.274   -7.935  1.00 0.00 ? 10 DG  B N7     1 
ATOM   296 C C5     . DG  B 1 2 ? -4.517  1.985   -7.606  1.00 0.00 ? 10 DG  B C5     1 
ATOM   297 C C6     . DG  B 1 2 ? -3.854  0.706   -7.610  1.00 0.00 ? 10 DG  B C6     1 
ATOM   298 O O6     . DG  B 1 2 ? -2.700  0.425   -7.937  1.00 0.00 ? 10 DG  B O6     1 
ATOM   299 N N1     . DG  B 1 2 ? -4.661  -0.335  -7.197  1.00 0.00 ? 10 DG  B N1     1 
ATOM   300 C C2     . DG  B 1 2 ? -5.965  -0.190  -6.861  1.00 0.00 ? 10 DG  B C2     1 
ATOM   301 N N2     . DG  B 1 2 ? -6.619  -1.261  -6.512  1.00 0.00 ? 10 DG  B N2     1 
ATOM   302 N N3     . DG  B 1 2 ? -6.626  0.962   -6.862  1.00 0.00 ? 10 DG  B N3     1 
ATOM   303 C C4     . DG  B 1 2 ? -5.846  2.020   -7.239  1.00 0.00 ? 10 DG  B C4     1 
ATOM   304 H "H5'"  . DG  B 1 2 ? -7.810  7.999   -6.759  1.00 0.00 ? 10 DG  B "H5'"  1 
ATOM   305 H "H5''" . DG  B 1 2 ? -6.518  6.808   -6.691  1.00 0.00 ? 10 DG  B "H5''" 1 
ATOM   306 H "H4'"  . DG  B 1 2 ? -9.337  6.385   -7.798  1.00 0.00 ? 10 DG  B "H4'"  1 
ATOM   307 H "H3'"  . DG  B 1 2 ? -8.603  6.374   -5.177  1.00 0.00 ? 10 DG  B "H3'"  1 
ATOM   308 H "H2'"  . DG  B 1 2 ? -6.779  4.881   -5.352  1.00 0.00 ? 10 DG  B "H2'"  1 
ATOM   309 H "H2''" . DG  B 1 2 ? -8.065  3.701   -4.971  1.00 0.00 ? 10 DG  B "H2''" 1 
ATOM   310 H "H1'"  . DG  B 1 2 ? -8.323  3.034   -7.171  1.00 0.00 ? 10 DG  B "H1'"  1 
ATOM   311 H H8     . DG  B 1 2 ? -5.135  5.097   -7.905  1.00 0.00 ? 10 DG  B H8     1 
ATOM   312 H H1     . DG  B 1 2 ? -4.259  -1.260  -7.204  1.00 0.00 ? 10 DG  B H1     1 
ATOM   313 H H21    . DG  B 1 2 ? -7.574  -1.151  -6.219  1.00 0.00 ? 10 DG  B H21    1 
ATOM   314 H H22    . DG  B 1 2 ? -6.142  -2.158  -6.451  1.00 0.00 ? 10 DG  B H22    1 
ATOM   315 P P      . DG  B 1 3 ? -10.833 4.814   -4.375  1.00 0.00 ? 11 DG  B P      1 
ATOM   316 O OP1    . DG  B 1 3 ? -12.292 4.726   -4.635  1.00 0.00 ? 11 DG  B OP1    1 
ATOM   317 O OP2    . DG  B 1 3 ? -10.349 5.824   -3.402  1.00 0.00 ? 11 DG  B OP2    1 
ATOM   318 O "O5'"  . DG  B 1 3 ? -10.314 3.366   -3.886  1.00 0.00 ? 11 DG  B "O5'"  1 
ATOM   319 C "C5'"  . DG  B 1 3 ? -10.747 2.169   -4.525  1.00 0.00 ? 11 DG  B "C5'"  1 
ATOM   320 C "C4'"  . DG  B 1 3 ? -10.123 0.894   -3.928  1.00 0.00 ? 11 DG  B "C4'"  1 
ATOM   321 O "O4'"  . DG  B 1 3 ? -8.758  0.772   -4.313  1.00 0.00 ? 11 DG  B "O4'"  1 
ATOM   322 C "C3'"  . DG  B 1 3 ? -10.189 0.823   -2.392  1.00 0.00 ? 11 DG  B "C3'"  1 
ATOM   323 O "O3'"  . DG  B 1 3 ? -10.692 -0.458  -2.018  1.00 0.00 ? 11 DG  B "O3'"  1 
ATOM   324 C "C2'"  . DG  B 1 3 ? -8.726  1.047   -1.998  1.00 0.00 ? 11 DG  B "C2'"  1 
ATOM   325 C "C1'"  . DG  B 1 3 ? -7.995  0.408   -3.173  1.00 0.00 ? 11 DG  B "C1'"  1 
ATOM   326 N N9     . DG  B 1 3 ? -6.596  0.865   -3.345  1.00 0.00 ? 11 DG  B N9     1 
ATOM   327 C C8     . DG  B 1 3 ? -6.122  2.146   -3.486  1.00 0.00 ? 11 DG  B C8     1 
ATOM   328 N N7     . DG  B 1 3 ? -4.855  2.223   -3.807  1.00 0.00 ? 11 DG  B N7     1 
ATOM   329 C C5     . DG  B 1 3 ? -4.443  0.882   -3.822  1.00 0.00 ? 11 DG  B C5     1 
ATOM   330 C C6     . DG  B 1 3 ? -3.168  0.272   -4.104  1.00 0.00 ? 11 DG  B C6     1 
ATOM   331 O O6     . DG  B 1 3 ? -2.117  0.792   -4.480  1.00 0.00 ? 11 DG  B O6     1 
ATOM   332 N N1     . DG  B 1 3 ? -3.163  -1.096  -3.933  1.00 0.00 ? 11 DG  B N1     1 
ATOM   333 C C2     . DG  B 1 3 ? -4.250  -1.816  -3.573  1.00 0.00 ? 11 DG  B C2     1 
ATOM   334 N N2     . DG  B 1 3 ? -4.077  -3.091  -3.357  1.00 0.00 ? 11 DG  B N2     1 
ATOM   335 N N3     . DG  B 1 3 ? -5.458  -1.309  -3.360  1.00 0.00 ? 11 DG  B N3     1 
ATOM   336 C C4     . DG  B 1 3 ? -5.495  0.051   -3.492  1.00 0.00 ? 11 DG  B C4     1 
ATOM   337 H "H5'"  . DG  B 1 3 ? -10.502 2.211   -5.588  1.00 0.00 ? 11 DG  B "H5'"  1 
ATOM   338 H "H5''" . DG  B 1 3 ? -11.831 2.089   -4.430  1.00 0.00 ? 11 DG  B "H5''" 1 
ATOM   339 H "H4'"  . DG  B 1 3 ? -10.670 0.041   -4.334  1.00 0.00 ? 11 DG  B "H4'"  1 
ATOM   340 H "H3'"  . DG  B 1 3 ? -10.825 1.616   -1.990  1.00 0.00 ? 11 DG  B "H3'"  1 
ATOM   341 H "H2'"  . DG  B 1 3 ? -8.522  2.117   -1.949  1.00 0.00 ? 11 DG  B "H2'"  1 
ATOM   342 H "H2''" . DG  B 1 3 ? -8.466  0.570   -1.056  1.00 0.00 ? 11 DG  B "H2''" 1 
ATOM   343 H "H1'"  . DG  B 1 3 ? -8.011  -0.679  -3.047  1.00 0.00 ? 11 DG  B "H1'"  1 
ATOM   344 H H8     . DG  B 1 3 ? -6.761  3.012   -3.374  1.00 0.00 ? 11 DG  B H8     1 
ATOM   345 H H1     . DG  B 1 3 ? -2.293  -1.579  -4.096  1.00 0.00 ? 11 DG  B H1     1 
ATOM   346 H H21    . DG  B 1 3 ? -4.873  -3.624  -3.057  1.00 0.00 ? 11 DG  B H21    1 
ATOM   347 H H22    . DG  B 1 3 ? -3.147  -3.500  -3.415  1.00 0.00 ? 11 DG  B H22    1 
ATOM   348 P P      . DC  B 1 4 ? -10.992 -0.876  -0.488  1.00 0.00 ? 12 DC  B P      1 
ATOM   349 O OP1    . DC  B 1 4 ? -12.037 -1.931  -0.504  1.00 0.00 ? 12 DC  B OP1    1 
ATOM   350 O OP2    . DC  B 1 4 ? -11.228 0.351   0.312   1.00 0.00 ? 12 DC  B OP2    1 
ATOM   351 O "O5'"  . DC  B 1 4 ? -9.602  -1.536  -0.011  1.00 0.00 ? 12 DC  B "O5'"  1 
ATOM   352 C "C5'"  . DC  B 1 4 ? -9.177  -2.803  -0.505  1.00 0.00 ? 12 DC  B "C5'"  1 
ATOM   353 C "C4'"  . DC  B 1 4 ? -7.773  -3.192  -0.018  1.00 0.00 ? 12 DC  B "C4'"  1 
ATOM   354 O "O4'"  . DC  B 1 4 ? -6.791  -2.353  -0.600  1.00 0.00 ? 12 DC  B "O4'"  1 
ATOM   355 C "C3'"  . DC  B 1 4 ? -7.595  -3.117  1.505   1.00 0.00 ? 12 DC  B "C3'"  1 
ATOM   356 O "O3'"  . DC  B 1 4 ? -7.678  -4.414  2.089   1.00 0.00 ? 12 DC  B "O3'"  1 
ATOM   357 C "C2'"  . DC  B 1 4 ? -6.207  -2.487  1.665   1.00 0.00 ? 12 DC  B "C2'"  1 
ATOM   358 C "C1'"  . DC  B 1 4 ? -5.654  -2.367  0.243   1.00 0.00 ? 12 DC  B "C1'"  1 
ATOM   359 N N1     . DC  B 1 4 ? -4.857  -1.128  0.030   1.00 0.00 ? 12 DC  B N1     1 
ATOM   360 C C2     . DC  B 1 4 ? -3.487  -1.222  -0.252  1.00 0.00 ? 12 DC  B C2     1 
ATOM   361 O O2     . DC  B 1 4 ? -2.876  -2.290  -0.217  1.00 0.00 ? 12 DC  B O2     1 
ATOM   362 N N3     . DC  B 1 4 ? -2.771  -0.121  -0.580  1.00 0.00 ? 12 DC  B N3     1 
ATOM   363 C C4     . DC  B 1 4 ? -3.385  1.045   -0.581  1.00 0.00 ? 12 DC  B C4     1 
ATOM   364 N N4     . DC  B 1 4 ? -2.667  2.058   -0.965  1.00 0.00 ? 12 DC  B N4     1 
ATOM   365 C C5     . DC  B 1 4 ? -4.757  1.216   -0.256  1.00 0.00 ? 12 DC  B C5     1 
ATOM   366 C C6     . DC  B 1 4 ? -5.466  0.102   0.050   1.00 0.00 ? 12 DC  B C6     1 
ATOM   367 H "H5'"  . DC  B 1 4 ? -9.172  -2.788  -1.596  1.00 0.00 ? 12 DC  B "H5'"  1 
ATOM   368 H "H5''" . DC  B 1 4 ? -9.880  -3.571  -0.176  1.00 0.00 ? 12 DC  B "H5''" 1 
ATOM   369 H "H4'"  . DC  B 1 4 ? -7.573  -4.217  -0.335  1.00 0.00 ? 12 DC  B "H4'"  1 
ATOM   370 H "H3'"  . DC  B 1 4 ? -8.348  -2.452  1.933   1.00 0.00 ? 12 DC  B "H3'"  1 
ATOM   371 H "H2'"  . DC  B 1 4 ? -6.302  -1.513  2.143   1.00 0.00 ? 12 DC  B "H2'"  1 
ATOM   372 H "H2''" . DC  B 1 4 ? -5.546  -3.121  2.248   1.00 0.00 ? 12 DC  B "H2''" 1 
ATOM   373 H "H1'"  . DC  B 1 4 ? -5.050  -3.254  0.023   1.00 0.00 ? 12 DC  B "H1'"  1 
ATOM   374 H H41    . DC  B 1 4 ? -3.080  2.970   -1.029  1.00 0.00 ? 12 DC  B H41    1 
ATOM   375 H H42    . DC  B 1 4 ? -1.710  1.871   -1.244  1.00 0.00 ? 12 DC  B H42    1 
ATOM   376 H H5     . DC  B 1 4 ? -5.239  2.181   -0.259  1.00 0.00 ? 12 DC  B H5     1 
ATOM   377 H H6     . DC  B 1 4 ? -6.523  0.162   0.287   1.00 0.00 ? 12 DC  B H6     1 
ATOM   378 P P      . DG  B 1 5 ? -7.941  -4.625  3.669   1.00 0.00 ? 13 DG  B P      1 
ATOM   379 O OP1    . DG  B 1 5 ? -8.179  -6.072  3.899   1.00 0.00 ? 13 DG  B OP1    1 
ATOM   380 O OP2    . DG  B 1 5 ? -8.977  -3.657  4.110   1.00 0.00 ? 13 DG  B OP2    1 
ATOM   381 O "O5'"  . DG  B 1 5 ? -6.547  -4.215  4.364   1.00 0.00 ? 13 DG  B "O5'"  1 
ATOM   382 C "C5'"  . DG  B 1 5 ? -5.413  -5.075  4.321   1.00 0.00 ? 13 DG  B "C5'"  1 
ATOM   383 C "C4'"  . DG  B 1 5 ? -4.126  -4.388  4.806   1.00 0.00 ? 13 DG  B "C4'"  1 
ATOM   384 O "O4'"  . DG  B 1 5 ? -3.624  -3.497  3.810   1.00 0.00 ? 13 DG  B "O4'"  1 
ATOM   385 C "C3'"  . DG  B 1 5 ? -4.310  -3.575  6.108   1.00 0.00 ? 13 DG  B "C3'"  1 
ATOM   386 O "O3'"  . DG  B 1 5 ? -3.262  -3.755  7.056   1.00 0.00 ? 13 DG  B "O3'"  1 
ATOM   387 C "C2'"  . DG  B 1 5 ? -4.192  -2.146  5.591   1.00 0.00 ? 13 DG  B "C2'"  1 
ATOM   388 C "C1'"  . DG  B 1 5 ? -3.145  -2.360  4.500   1.00 0.00 ? 13 DG  B "C1'"  1 
ATOM   389 N N9     . DG  B 1 5 ? -2.886  -1.181  3.638   1.00 0.00 ? 13 DG  B N9     1 
ATOM   390 C C8     . DG  B 1 5 ? -3.595  -0.007  3.529   1.00 0.00 ? 13 DG  B C8     1 
ATOM   391 N N7     . DG  B 1 5 ? -2.970  0.940   2.877   1.00 0.00 ? 13 DG  B N7     1 
ATOM   392 C C5     . DG  B 1 5 ? -1.746  0.349   2.527   1.00 0.00 ? 13 DG  B C5     1 
ATOM   393 C C6     . DG  B 1 5 ? -0.590  0.864   1.837   1.00 0.00 ? 13 DG  B C6     1 
ATOM   394 O O6     . DG  B 1 5 ? -0.406  1.981   1.355   1.00 0.00 ? 13 DG  B O6     1 
ATOM   395 N N1     . DG  B 1 5 ? 0.440   -0.049  1.715   1.00 0.00 ? 13 DG  B N1     1 
ATOM   396 C C2     . DG  B 1 5 ? 0.378   -1.341  2.144   1.00 0.00 ? 13 DG  B C2     1 
ATOM   397 N N2     . DG  B 1 5 ? 1.423   -2.105  1.837   1.00 0.00 ? 13 DG  B N2     1 
ATOM   398 N N3     . DG  B 1 5 ? -0.681  -1.843  2.797   1.00 0.00 ? 13 DG  B N3     1 
ATOM   399 C C4     . DG  B 1 5 ? -1.706  -0.956  2.963   1.00 0.00 ? 13 DG  B C4     1 
ATOM   400 H "H5'"  . DG  B 1 5 ? -5.254  -5.426  3.300   1.00 0.00 ? 13 DG  B "H5'"  1 
ATOM   401 H "H5''" . DG  B 1 5 ? -5.602  -5.943  4.954   1.00 0.00 ? 13 DG  B "H5''" 1 
ATOM   402 H "H4'"  . DG  B 1 5 ? -3.382  -5.163  4.975   1.00 0.00 ? 13 DG  B "H4'"  1 
ATOM   403 H "H3'"  . DG  B 1 5 ? -5.286  -3.748  6.567   1.00 0.00 ? 13 DG  B "H3'"  1 
ATOM   404 H "H2'"  . DG  B 1 5 ? -5.143  -1.822  5.165   1.00 0.00 ? 13 DG  B "H2'"  1 
ATOM   405 H "H2''" . DG  B 1 5 ? -3.848  -1.456  6.362   1.00 0.00 ? 13 DG  B "H2''" 1 
ATOM   406 H "H1'"  . DG  B 1 5 ? -2.200  -2.630  4.975   1.00 0.00 ? 13 DG  B "H1'"  1 
ATOM   407 H H8     . DG  B 1 5 ? -4.579  0.126   3.963   1.00 0.00 ? 13 DG  B H8     1 
ATOM   408 H H1     . DG  B 1 5 ? 1.279   0.275   1.254   1.00 0.00 ? 13 DG  B H1     1 
ATOM   409 H H22    . DG  B 1 5 ? 2.220   -1.644  1.412   1.00 0.00 ? 13 DG  B H22    1 
ATOM   410 P P      . DC  B 1 6 ? -3.115  -5.072  7.971   1.00 0.00 ? 14 DC  B P      1 
ATOM   411 O OP1    . DC  B 1 6 ? -3.948  -6.169  7.420   1.00 0.00 ? 14 DC  B OP1    1 
ATOM   412 O OP2    . DC  B 1 6 ? -3.299  -4.662  9.385   1.00 0.00 ? 14 DC  B OP2    1 
ATOM   413 O "O5'"  . DC  B 1 6 ? -1.557  -5.426  7.752   1.00 0.00 ? 14 DC  B "O5'"  1 
ATOM   414 C "C5'"  . DC  B 1 6 ? -1.105  -6.221  6.658   1.00 0.00 ? 14 DC  B "C5'"  1 
ATOM   415 C "C4'"  . DC  B 1 6 ? 0.270   -5.777  6.138   1.00 0.00 ? 14 DC  B "C4'"  1 
ATOM   416 O "O4'"  . DC  B 1 6 ? 0.163   -4.498  5.520   1.00 0.00 ? 14 DC  B "O4'"  1 
ATOM   417 C "C3'"  . DC  B 1 6 ? 1.341   -5.705  7.239   1.00 0.00 ? 14 DC  B "C3'"  1 
ATOM   418 O "O3'"  . DC  B 1 6 ? 2.485   -6.463  6.852   1.00 0.00 ? 14 DC  B "O3'"  1 
ATOM   419 C "C2'"  . DC  B 1 6 ? 1.625   -4.206  7.337   1.00 0.00 ? 14 DC  B "C2'"  1 
ATOM   420 C "C1'"  . DC  B 1 6 ? 1.239   -3.683  5.954   1.00 0.00 ? 14 DC  B "C1'"  1 
ATOM   421 N N1     . DC  B 1 6 ? 0.823   -2.252  5.974   1.00 0.00 ? 14 DC  B N1     1 
ATOM   422 C C2     . DC  B 1 6 ? 1.616   -1.295  5.329   1.00 0.00 ? 14 DC  B C2     1 
ATOM   423 O O2     . DC  B 1 6 ? 2.724   -1.562  4.863   1.00 0.00 ? 14 DC  B O2     1 
ATOM   424 N N3     . DC  B 1 6 ? 1.194   -0.015  5.200   1.00 0.00 ? 14 DC  B N3     1 
ATOM   425 C C4     . DC  B 1 6 ? 0.043   0.321   5.741   1.00 0.00 ? 14 DC  B C4     1 
ATOM   426 N N4     . DC  B 1 6 ? -0.333  1.549   5.533   1.00 0.00 ? 14 DC  B N4     1 
ATOM   427 C C5     . DC  B 1 6 ? -0.769  -0.577  6.485   1.00 0.00 ? 14 DC  B C5     1 
ATOM   428 C C6     . DC  B 1 6 ? -0.346  -1.864  6.585   1.00 0.00 ? 14 DC  B C6     1 
ATOM   429 H "H5'"  . DC  B 1 6 ? -1.805  -6.167  5.827   1.00 0.00 ? 14 DC  B "H5'"  1 
ATOM   430 H "H5''" . DC  B 1 6 ? -1.047  -7.262  6.978   1.00 0.00 ? 14 DC  B "H5''" 1 
ATOM   431 H "H4'"  . DC  B 1 6 ? 0.595   -6.499  5.387   1.00 0.00 ? 14 DC  B "H4'"  1 
ATOM   432 H "H3'"  . DC  B 1 6 ? 0.935   -6.076  8.182   1.00 0.00 ? 14 DC  B "H3'"  1 
ATOM   433 H "H2'"  . DC  B 1 6 ? 0.993   -3.768  8.111   1.00 0.00 ? 14 DC  B "H2'"  1 
ATOM   434 H "H2''" . DC  B 1 6 ? 2.671   -4.000  7.543   1.00 0.00 ? 14 DC  B "H2''" 1 
ATOM   435 H "H1'"  . DC  B 1 6 ? 2.090   -3.825  5.280   1.00 0.00 ? 14 DC  B "H1'"  1 
ATOM   436 H H41    . DC  B 1 6 ? -1.204  1.880   5.908   1.00 0.00 ? 14 DC  B H41    1 
ATOM   437 H H42    . DC  B 1 6 ? 0.281   2.141   4.983   1.00 0.00 ? 14 DC  B H42    1 
ATOM   438 H H5     . DC  B 1 6 ? -1.698  -0.277  6.947   1.00 0.00 ? 14 DC  B H5     1 
ATOM   439 H H6     . DC  B 1 6 ? -0.935  -2.605  7.117   1.00 0.00 ? 14 DC  B H6     1 
ATOM   440 P P      . DC  B 1 7 ? 3.627   -6.905  7.906   1.00 0.00 ? 15 DC  B P      1 
ATOM   441 O OP1    . DC  B 1 7 ? 4.395   -8.021  7.296   1.00 0.00 ? 15 DC  B OP1    1 
ATOM   442 O OP2    . DC  B 1 7 ? 2.998   -7.120  9.233   1.00 0.00 ? 15 DC  B OP2    1 
ATOM   443 O "O5'"  . DC  B 1 7 ? 4.588   -5.617  8.010   1.00 0.00 ? 15 DC  B "O5'"  1 
ATOM   444 C "C5'"  . DC  B 1 7 ? 5.504   -5.290  6.969   1.00 0.00 ? 15 DC  B "C5'"  1 
ATOM   445 C "C4'"  . DC  B 1 7 ? 6.145   -3.906  7.153   1.00 0.00 ? 15 DC  B "C4'"  1 
ATOM   446 O "O4'"  . DC  B 1 7 ? 5.196   -2.876  6.935   1.00 0.00 ? 15 DC  B "O4'"  1 
ATOM   447 C "C3'"  . DC  B 1 7 ? 6.751   -3.659  8.541   1.00 0.00 ? 15 DC  B "C3'"  1 
ATOM   448 O "O3'"  . DC  B 1 7 ? 8.123   -4.044  8.567   1.00 0.00 ? 15 DC  B "O3'"  1 
ATOM   449 C "C2'"  . DC  B 1 7 ? 6.528   -2.155  8.739   1.00 0.00 ? 15 DC  B "C2'"  1 
ATOM   450 C "C1'"  . DC  B 1 7 ? 5.698   -1.698  7.536   1.00 0.00 ? 15 DC  B "C1'"  1 
ATOM   451 N N1     . DC  B 1 7 ? 4.564   -0.808  7.911   1.00 0.00 ? 15 DC  B N1     1 
ATOM   452 C C2     . DC  B 1 7 ? 4.601   0.543   7.544   1.00 0.00 ? 15 DC  B C2     1 
ATOM   453 O O2     . DC  B 1 7 ? 5.596   1.053   7.032   1.00 0.00 ? 15 DC  B O2     1 
ATOM   454 N N3     . DC  B 1 7 ? 3.537   1.351   7.762   1.00 0.00 ? 15 DC  B N3     1 
ATOM   455 C C4     . DC  B 1 7 ? 2.485   0.847   8.370   1.00 0.00 ? 15 DC  B C4     1 
ATOM   456 N N4     . DC  B 1 7 ? 1.481   1.661   8.527   1.00 0.00 ? 15 DC  B N4     1 
ATOM   457 C C5     . DC  B 1 7 ? 2.405   -0.498  8.825   1.00 0.00 ? 15 DC  B C5     1 
ATOM   458 C C6     . DC  B 1 7 ? 3.473   -1.300  8.584   1.00 0.00 ? 15 DC  B C6     1 
ATOM   459 H "H5'"  . DC  B 1 7 ? 4.987   -5.303  6.009   1.00 0.00 ? 15 DC  B "H5'"  1 
ATOM   460 H "H5''" . DC  B 1 7 ? 6.298   -6.039  6.941   1.00 0.00 ? 15 DC  B "H5''" 1 
ATOM   461 H "H4'"  . DC  B 1 7 ? 6.939   -3.798  6.412   1.00 0.00 ? 15 DC  B "H4'"  1 
ATOM   462 H "H3'"  . DC  B 1 7 ? 6.182   -4.209  9.292   1.00 0.00 ? 15 DC  B "H3'"  1 
ATOM   463 H "H2'"  . DC  B 1 7 ? 5.990   -1.998  9.672   1.00 0.00 ? 15 DC  B "H2'"  1 
ATOM   464 H "H2''" . DC  B 1 7 ? 7.468   -1.607  8.755   1.00 0.00 ? 15 DC  B "H2''" 1 
ATOM   465 H "H1'"  . DC  B 1 7 ? 6.361   -1.190  6.827   1.00 0.00 ? 15 DC  B "H1'"  1 
ATOM   466 H H41    . DC  B 1 7 ? 0.640   1.338   8.970   1.00 0.00 ? 15 DC  B H41    1 
ATOM   467 H H42    . DC  B 1 7 ? 1.563   2.585   8.120   1.00 0.00 ? 15 DC  B H42    1 
ATOM   468 H H5     . DC  B 1 7 ? 1.541   -0.888  9.339   1.00 0.00 ? 15 DC  B H5     1 
ATOM   469 H H6     . DC  B 1 7 ? 3.474   -2.338  8.900   1.00 0.00 ? 15 DC  B H6     1 
ATOM   470 P P      . DT  B 1 8 ? 9.012   -4.023  9.917   1.00 0.00 ? 16 DT  B P      1 
ATOM   471 O OP1    . DT  B 1 8 ? 10.148  -4.959  9.727   1.00 0.00 ? 16 DT  B OP1    1 
ATOM   472 O OP2    . DT  B 1 8 ? 8.123   -4.207  11.090  1.00 0.00 ? 16 DT  B OP2    1 
ATOM   473 O "O5'"  . DT  B 1 8 ? 9.600   -2.526  9.969   1.00 0.00 ? 16 DT  B "O5'"  1 
ATOM   474 C "C5'"  . DT  B 1 8 ? 10.450  -2.034  8.938   1.00 0.00 ? 16 DT  B "C5'"  1 
ATOM   475 C "C4'"  . DT  B 1 8 ? 10.741  -0.530  9.073   1.00 0.00 ? 16 DT  B "C4'"  1 
ATOM   476 O "O4'"  . DT  B 1 8 ? 9.512   0.186   8.995   1.00 0.00 ? 16 DT  B "O4'"  1 
ATOM   477 C "C3'"  . DT  B 1 8 ? 11.435  -0.158  10.395  1.00 0.00 ? 16 DT  B "C3'"  1 
ATOM   478 O "O3'"  . DT  B 1 8 ? 12.409  0.867   10.198  1.00 0.00 ? 16 DT  B "O3'"  1 
ATOM   479 C "C2'"  . DT  B 1 8 ? 10.279  0.366   11.238  1.00 0.00 ? 16 DT  B "C2'"  1 
ATOM   480 C "C1'"  . DT  B 1 8 ? 9.357   0.967   10.169  1.00 0.00 ? 16 DT  B "C1'"  1 
ATOM   481 N N1     . DT  B 1 8 ? 7.908   1.065   10.522  1.00 0.00 ? 16 DT  B N1     1 
ATOM   482 C C2     . DT  B 1 8 ? 7.225   2.220   10.111  1.00 0.00 ? 16 DT  B C2     1 
ATOM   483 O O2     . DT  B 1 8 ? 7.753   3.162   9.518   1.00 0.00 ? 16 DT  B O2     1 
ATOM   484 N N3     . DT  B 1 8 ? 5.889   2.295   10.419  1.00 0.00 ? 16 DT  B N3     1 
ATOM   485 C C4     . DT  B 1 8 ? 5.162   1.363   11.119  1.00 0.00 ? 16 DT  B C4     1 
ATOM   486 O O4     . DT  B 1 8 ? 3.973   1.593   11.340  1.00 0.00 ? 16 DT  B O4     1 
ATOM   487 C C5     . DT  B 1 8 ? 5.922   0.181   11.522  1.00 0.00 ? 16 DT  B C5     1 
ATOM   488 C C7     . DT  B 1 8 ? 5.237   -0.938  12.289  1.00 0.00 ? 16 DT  B C7     1 
ATOM   489 C C6     . DT  B 1 8 ? 7.243   0.065   11.211  1.00 0.00 ? 16 DT  B C6     1 
ATOM   490 H "H5'"  . DT  B 1 8 ? 9.977   -2.201  7.968   1.00 0.00 ? 16 DT  B "H5'"  1 
ATOM   491 H "H5''" . DT  B 1 8 ? 11.395  -2.579  8.952   1.00 0.00 ? 16 DT  B "H5''" 1 
ATOM   492 H "H4'"  . DT  B 1 8 ? 11.383  -0.235  8.240   1.00 0.00 ? 16 DT  B "H4'"  1 
ATOM   493 H "H3'"  . DT  B 1 8 ? 11.890  -1.038  10.857  1.00 0.00 ? 16 DT  B "H3'"  1 
ATOM   494 H "HO3'" . DT  B 1 8 ? 12.963  0.947   11.002  1.00 0.00 ? 16 DT  B "HO3'" 1 
ATOM   495 H "H2'"  . DT  B 1 8 ? 9.822   -0.468  11.765  1.00 0.00 ? 16 DT  B "H2'"  1 
ATOM   496 H "H2''" . DT  B 1 8 ? 10.603  1.123   11.955  1.00 0.00 ? 16 DT  B "H2''" 1 
ATOM   497 H "H1'"  . DT  B 1 8 ? 9.745   1.967   9.952   1.00 0.00 ? 16 DT  B "H1'"  1 
ATOM   498 H H3     . DT  B 1 8 ? 5.399   3.129   10.129  1.00 0.00 ? 16 DT  B H3     1 
ATOM   499 H H71    . DT  B 1 8 ? 4.425   -1.348  11.686  1.00 0.00 ? 16 DT  B H71    1 
ATOM   500 H H72    . DT  B 1 8 ? 5.939   -1.735  12.539  1.00 0.00 ? 16 DT  B H72    1 
ATOM   501 H H73    . DT  B 1 8 ? 4.811   -0.537  13.209  1.00 0.00 ? 16 DT  B H73    1 
ATOM   502 H H6     . DT  B 1 8 ? 7.772   -0.839  11.488  1.00 0.00 ? 16 DT  B H6     1 
HETATM 503 C C1     . TME C 2 . ? 0.426   -4.274  -0.305  1.00 0.00 ? 17 TME A C1     1 
HETATM 504 C C2     . TME C 2 . ? 1.674   -4.246  0.602   1.00 0.00 ? 17 TME A C2     1 
HETATM 505 C C3     . TME C 2 . ? 1.509   -3.565  1.968   1.00 0.00 ? 17 TME A C3     1 
HETATM 506 H H11    . TME C 2 . ? 0.664   -4.835  -1.209  1.00 0.00 ? 17 TME A H11    1 
HETATM 507 H H13    . TME C 2 . ? -0.372  -4.808  0.214   1.00 0.00 ? 17 TME A H13    1 
HETATM 508 H H21    . TME C 2 . ? 1.958   -5.282  0.786   1.00 0.00 ? 17 TME A H21    1 
HETATM 509 H H22    . TME C 2 . ? 2.507   -3.784  0.072   1.00 0.00 ? 17 TME A H22    1 
HETATM 510 H H32    . TME C 2 . ? 0.640   -3.987  2.474   1.00 0.00 ? 17 TME A H32    1 
HETATM 511 H H33    . TME C 2 . ? 2.386   -3.795  2.576   1.00 0.00 ? 17 TME A H33    1 
# 
